data_7SHG
#
_entry.id   7SHG
#
_cell.length_a   71.740
_cell.length_b   82.500
_cell.length_c   234.920
_cell.angle_alpha   90.000
_cell.angle_beta   90.000
_cell.angle_gamma   90.000
#
_symmetry.space_group_name_H-M   'P 2 21 21'
#
loop_
_entity.id
_entity.type
_entity.pdbx_description
1 polymer 'Ribofuranosyl transferase'
2 non-polymer 'CHLORIDE ION'
3 non-polymer 'MAGNESIUM ION'
4 water water
#
_entity_poly.entity_id   1
_entity_poly.type   'polypeptide(L)'
_entity_poly.pdbx_seq_one_letter_code
;MGSSHHHHHHSSGLVPRGSHMASLHIKDRIDFDEYEYVFFDIFDTILLRNVYPEYTKMIWSKRMSVQFGDKLTAEEVYQL
RSEIEARLCIENEQSGKDKEFHYMQLIEQLYRYFITKKIISDLSIQSFYDICINIETDVEIGVQYVDPHWLELVKHIKSD
SRKIKVFCVSDFYLPKATLYSLFDYHGILRYVDEIYVSSEILLTKKSGRLFDFILELHKIAPSNVLMVGDNEISDYKVPI
EKGMKAYLIDRTKQFNKYAEHERIHKINTIVGIESQLIKMANDFRKITPFHNIIFSLFYFIKKLHETLVNRGVKDVFFLS
REGEYLKKLFDIYQGQEGFRNIQTINTHYLLVSRKATYLPSLKPIESETFNILFRQYRKISAYDFLSSINFTSDAMNLLS
TELAFDLQRVEDDFPTSSTFQKLMKSDTFRNIYERERNEQNRLFKKYVDQFNVDLTNGMHIVDVGWKGTIQDNLFNIYNG
EVSVFGYYLGIVAAGEMRPGNDKQGILFSSIPVMSSYFGVFNENRAIYEVLLGASHGSAERYNFNESGKIIVETSKNQRE
FEIYKNIVQHTQQAMEQSFIELCSVLCKKSIDISKYLEIFAKIHAEFILNPNKQELQFFDKLYHFENFGIFEYTEFQTKK
NVGINERI
;
_entity_poly.pdbx_strand_id   A,B
#
# COMPACT_ATOMS: atom_id res chain seq x y z
N PHE A 32 15.21 51.70 -72.19
CA PHE A 32 15.29 50.25 -72.32
C PHE A 32 16.13 49.87 -73.53
N ASP A 33 16.63 48.64 -73.52
CA ASP A 33 17.21 48.07 -74.73
C ASP A 33 16.15 47.29 -75.50
N GLU A 34 16.41 46.01 -75.73
CA GLU A 34 15.50 45.09 -76.40
C GLU A 34 16.03 43.68 -76.24
N TYR A 35 15.59 42.99 -75.20
CA TYR A 35 16.07 41.66 -74.85
C TYR A 35 15.03 40.62 -75.20
N GLU A 36 15.48 39.49 -75.73
CA GLU A 36 14.60 38.36 -76.01
C GLU A 36 14.46 37.44 -74.81
N TYR A 37 15.54 37.23 -74.06
CA TYR A 37 15.53 36.38 -72.88
C TYR A 37 16.14 37.14 -71.71
N VAL A 38 15.56 36.93 -70.52
CA VAL A 38 16.14 37.42 -69.27
C VAL A 38 16.54 36.21 -68.46
N PHE A 39 17.82 36.12 -68.13
CA PHE A 39 18.35 34.99 -67.36
C PHE A 39 18.55 35.42 -65.92
N PHE A 40 17.93 34.70 -65.00
CA PHE A 40 17.97 35.03 -63.57
C PHE A 40 18.79 33.99 -62.82
N ASP A 41 19.70 34.48 -61.98
CA ASP A 41 20.31 33.63 -60.97
C ASP A 41 19.25 33.26 -59.93
N ILE A 42 19.44 32.12 -59.27
CA ILE A 42 18.44 31.64 -58.32
C ILE A 42 18.73 32.14 -56.92
N PHE A 43 19.79 31.63 -56.30
CA PHE A 43 19.99 31.84 -54.87
C PHE A 43 20.64 33.18 -54.59
N ASP A 44 20.05 33.93 -53.65
CA ASP A 44 20.39 35.31 -53.32
C ASP A 44 20.05 36.27 -54.43
N THR A 45 19.27 35.83 -55.42
CA THR A 45 18.71 36.69 -56.45
C THR A 45 17.19 36.58 -56.48
N ILE A 46 16.66 35.37 -56.65
CA ILE A 46 15.23 35.10 -56.56
C ILE A 46 14.83 34.61 -55.18
N LEU A 47 15.56 33.62 -54.65
CA LEU A 47 15.25 33.02 -53.37
C LEU A 47 16.28 33.45 -52.33
N LEU A 48 15.80 33.97 -51.21
CA LEU A 48 16.63 34.35 -50.08
C LEU A 48 16.35 33.43 -48.90
N ARG A 49 17.32 33.30 -48.00
CA ARG A 49 17.24 32.35 -46.91
C ARG A 49 17.22 33.08 -45.56
N ASN A 50 16.48 32.50 -44.60
CA ASN A 50 16.49 33.02 -43.24
C ASN A 50 17.80 32.70 -42.52
N VAL A 51 18.51 31.66 -42.94
CA VAL A 51 19.77 31.27 -42.37
C VAL A 51 20.85 31.42 -43.45
N TYR A 52 22.11 31.37 -43.03
CA TYR A 52 23.17 31.43 -44.01
C TYR A 52 23.21 30.12 -44.81
N PRO A 53 23.51 30.19 -46.11
CA PRO A 53 23.28 29.04 -46.99
C PRO A 53 23.92 27.74 -46.54
N GLU A 54 25.06 27.80 -45.85
CA GLU A 54 25.70 26.56 -45.40
C GLU A 54 24.95 25.91 -44.23
N TYR A 55 24.13 26.68 -43.51
CA TYR A 55 23.40 26.13 -42.38
C TYR A 55 22.36 25.10 -42.80
N THR A 56 21.89 25.14 -44.05
CA THR A 56 20.91 24.15 -44.50
C THR A 56 21.51 22.76 -44.55
N LYS A 57 22.79 22.62 -44.86
CA LYS A 57 23.44 21.32 -44.82
C LYS A 57 23.73 20.87 -43.40
N MET A 58 23.80 21.81 -42.46
CA MET A 58 23.92 21.48 -41.04
C MET A 58 22.58 21.04 -40.47
N ILE A 59 21.50 21.74 -40.82
CA ILE A 59 20.17 21.31 -40.39
C ILE A 59 19.83 19.95 -40.97
N TRP A 60 20.12 19.77 -42.26
CA TRP A 60 19.96 18.45 -42.87
C TRP A 60 20.83 17.41 -42.18
N SER A 61 21.99 17.82 -41.64
CA SER A 61 22.84 16.87 -40.93
C SER A 61 22.22 16.46 -39.61
N LYS A 62 21.73 17.43 -38.83
CA LYS A 62 21.09 17.10 -37.56
C LYS A 62 19.86 16.23 -37.77
N ARG A 63 19.08 16.51 -38.82
CA ARG A 63 17.87 15.73 -39.05
C ARG A 63 18.19 14.35 -39.61
N MET A 64 19.31 14.20 -40.30
CA MET A 64 19.74 12.86 -40.72
C MET A 64 20.30 12.06 -39.55
N SER A 65 20.95 12.72 -38.59
CA SER A 65 21.45 12.03 -37.40
C SER A 65 20.29 11.49 -36.55
N VAL A 66 19.22 12.26 -36.45
CA VAL A 66 18.02 11.75 -35.77
C VAL A 66 17.36 10.67 -36.60
N GLN A 67 17.41 10.80 -37.94
CA GLN A 67 16.74 9.86 -38.81
C GLN A 67 17.31 8.46 -38.66
N PHE A 68 18.62 8.35 -38.43
CA PHE A 68 19.26 7.04 -38.44
C PHE A 68 19.87 6.68 -37.09
N GLY A 69 19.02 6.62 -36.06
CA GLY A 69 19.37 5.95 -34.81
C GLY A 69 20.47 6.60 -34.01
N ASP A 70 20.80 7.86 -34.29
CA ASP A 70 21.88 8.56 -33.58
C ASP A 70 23.19 7.76 -33.61
N LYS A 71 23.34 6.92 -34.64
CA LYS A 71 24.59 6.20 -34.82
C LYS A 71 25.75 7.17 -35.01
N LEU A 72 25.55 8.18 -35.85
CA LEU A 72 26.48 9.29 -35.99
C LEU A 72 25.85 10.55 -35.43
N THR A 73 26.68 11.44 -34.89
CA THR A 73 26.19 12.71 -34.38
C THR A 73 25.83 13.64 -35.54
N ALA A 74 25.18 14.77 -35.18
CA ALA A 74 24.84 15.76 -36.18
C ALA A 74 26.10 16.36 -36.82
N GLU A 75 27.20 16.41 -36.09
CA GLU A 75 28.42 16.96 -36.63
C GLU A 75 29.20 15.94 -37.47
N GLU A 76 29.10 14.66 -37.12
CA GLU A 76 29.82 13.64 -37.88
C GLU A 76 29.24 13.49 -39.28
N VAL A 77 27.92 13.52 -39.41
CA VAL A 77 27.30 13.46 -40.73
C VAL A 77 27.61 14.71 -41.53
N TYR A 78 27.72 15.86 -40.85
CA TYR A 78 28.06 17.09 -41.56
C TYR A 78 29.50 17.07 -42.07
N GLN A 79 30.44 16.57 -41.25
CA GLN A 79 31.80 16.42 -41.72
C GLN A 79 31.88 15.43 -42.88
N LEU A 80 31.07 14.36 -42.81
CA LEU A 80 31.05 13.40 -43.91
C LEU A 80 30.52 14.01 -45.19
N ARG A 81 29.60 14.98 -45.09
CA ARG A 81 29.11 15.63 -46.29
C ARG A 81 30.17 16.55 -46.89
N SER A 82 30.88 17.30 -46.04
CA SER A 82 31.96 18.16 -46.52
C SER A 82 33.02 17.35 -47.25
N GLU A 83 33.49 16.26 -46.62
CA GLU A 83 34.54 15.44 -47.21
C GLU A 83 34.14 14.89 -48.57
N ILE A 84 32.84 14.63 -48.77
CA ILE A 84 32.38 14.08 -50.04
C ILE A 84 32.17 15.18 -51.07
N GLU A 85 31.62 16.32 -50.64
CA GLU A 85 31.32 17.40 -51.58
C GLU A 85 32.59 17.96 -52.20
N ALA A 86 33.58 18.31 -51.36
CA ALA A 86 34.86 18.77 -51.88
C ALA A 86 35.61 17.66 -52.61
N ARG A 87 35.28 16.40 -52.32
CA ARG A 87 35.88 15.29 -53.06
C ARG A 87 35.38 15.26 -54.49
N LEU A 88 34.06 15.33 -54.68
CA LEU A 88 33.50 15.28 -56.03
C LEU A 88 33.86 16.52 -56.83
N CYS A 89 34.01 17.68 -56.18
CA CYS A 89 34.43 18.88 -56.90
C CYS A 89 35.80 18.67 -57.53
N ILE A 90 36.77 18.19 -56.74
CA ILE A 90 38.10 17.93 -57.28
C ILE A 90 38.09 16.79 -58.29
N GLU A 91 37.24 15.78 -58.07
CA GLU A 91 37.21 14.64 -58.97
C GLU A 91 36.53 14.96 -60.30
N ASN A 92 35.38 15.63 -60.25
CA ASN A 92 34.74 16.08 -61.49
C ASN A 92 35.61 17.10 -62.22
N GLU A 93 36.38 17.89 -61.47
CA GLU A 93 37.27 18.88 -62.08
C GLU A 93 38.26 18.21 -63.03
N GLN A 94 38.97 17.20 -62.55
CA GLN A 94 39.98 16.49 -63.33
C GLN A 94 39.43 15.23 -63.99
N SER A 95 38.15 15.25 -64.39
CA SER A 95 37.58 14.25 -65.28
C SER A 95 37.09 14.88 -66.57
N GLY A 96 37.60 16.07 -66.89
CA GLY A 96 37.14 16.83 -68.04
C GLY A 96 35.90 17.65 -67.80
N LYS A 97 35.29 17.54 -66.63
CA LYS A 97 34.10 18.29 -66.27
C LYS A 97 34.53 19.49 -65.42
N ASP A 98 33.55 20.16 -64.80
CA ASP A 98 33.81 21.32 -63.98
C ASP A 98 33.70 20.97 -62.50
N LYS A 99 34.16 21.90 -61.66
CA LYS A 99 34.09 21.72 -60.21
C LYS A 99 32.64 21.79 -59.72
N GLU A 100 31.96 20.65 -59.72
CA GLU A 100 30.55 20.60 -59.37
C GLU A 100 30.18 19.14 -59.10
N PHE A 101 29.11 18.95 -58.33
CA PHE A 101 28.61 17.61 -58.04
C PHE A 101 27.09 17.59 -58.12
N HIS A 102 26.56 16.48 -58.64
CA HIS A 102 25.14 16.21 -58.63
C HIS A 102 24.75 15.64 -57.26
N TYR A 103 23.50 15.86 -56.87
CA TYR A 103 23.06 15.41 -55.55
C TYR A 103 23.08 13.89 -55.44
N MET A 104 22.82 13.18 -56.54
CA MET A 104 22.85 11.72 -56.51
C MET A 104 24.26 11.19 -56.26
N GLN A 105 25.28 11.94 -56.70
CA GLN A 105 26.66 11.55 -56.42
C GLN A 105 26.96 11.63 -54.92
N LEU A 106 26.45 12.67 -54.26
CA LEU A 106 26.61 12.78 -52.81
C LEU A 106 25.88 11.65 -52.10
N ILE A 107 24.67 11.31 -52.57
CA ILE A 107 23.86 10.31 -51.90
C ILE A 107 24.44 8.91 -52.11
N GLU A 108 25.01 8.65 -53.28
CA GLU A 108 25.61 7.35 -53.54
C GLU A 108 26.81 7.12 -52.63
N GLN A 109 27.61 8.15 -52.39
CA GLN A 109 28.73 8.03 -51.46
C GLN A 109 28.25 7.87 -50.03
N LEU A 110 27.21 8.63 -49.64
CA LEU A 110 26.64 8.47 -48.31
C LEU A 110 26.11 7.06 -48.10
N TYR A 111 25.53 6.47 -49.14
CA TYR A 111 25.06 5.09 -49.05
C TYR A 111 26.21 4.12 -48.86
N ARG A 112 27.41 4.49 -49.33
CA ARG A 112 28.59 3.64 -49.13
C ARG A 112 29.01 3.62 -47.66
N TYR A 113 29.21 4.81 -47.08
CA TYR A 113 29.63 4.90 -45.68
C TYR A 113 28.58 4.29 -44.75
N PHE A 114 27.29 4.53 -45.03
CA PHE A 114 26.25 4.09 -44.14
C PHE A 114 26.11 2.57 -44.13
N ILE A 115 26.20 1.93 -45.30
CA ILE A 115 25.97 0.50 -45.35
C ILE A 115 27.21 -0.29 -44.92
N THR A 116 28.41 0.29 -45.07
CA THR A 116 29.61 -0.40 -44.60
C THR A 116 29.76 -0.28 -43.09
N LYS A 117 29.52 0.91 -42.54
CA LYS A 117 29.49 1.10 -41.09
C LYS A 117 28.19 0.61 -40.46
N LYS A 118 27.40 -0.17 -41.19
CA LYS A 118 26.21 -0.82 -40.67
C LYS A 118 25.23 0.18 -40.05
N ILE A 119 25.17 1.39 -40.62
CA ILE A 119 24.25 2.39 -40.08
C ILE A 119 22.84 2.16 -40.59
N ILE A 120 22.69 1.62 -41.79
CA ILE A 120 21.39 1.36 -42.39
C ILE A 120 21.21 -0.15 -42.55
N SER A 121 19.96 -0.59 -42.46
CA SER A 121 19.61 -2.00 -42.60
C SER A 121 18.22 -2.09 -43.20
N ASP A 122 18.04 -3.01 -44.16
CA ASP A 122 16.81 -3.16 -44.93
C ASP A 122 16.49 -1.92 -45.75
N LEU A 123 17.52 -1.19 -46.17
CA LEU A 123 17.35 0.09 -46.86
C LEU A 123 18.16 0.06 -48.14
N SER A 124 17.46 -0.06 -49.27
CA SER A 124 18.12 -0.01 -50.58
C SER A 124 18.65 1.40 -50.83
N ILE A 125 19.29 1.60 -51.98
CA ILE A 125 19.82 2.92 -52.30
C ILE A 125 18.69 3.86 -52.68
N GLN A 126 17.66 3.34 -53.35
CA GLN A 126 16.57 4.20 -53.83
C GLN A 126 15.78 4.80 -52.67
N SER A 127 15.47 3.99 -51.66
CA SER A 127 14.75 4.53 -50.50
C SER A 127 15.65 5.42 -49.65
N PHE A 128 16.94 5.11 -49.59
CA PHE A 128 17.89 5.97 -48.88
C PHE A 128 17.97 7.35 -49.53
N TYR A 129 17.81 7.42 -50.84
CA TYR A 129 17.80 8.71 -51.52
C TYR A 129 16.50 9.47 -51.23
N ASP A 130 15.38 8.75 -51.11
CA ASP A 130 14.11 9.42 -50.84
C ASP A 130 14.14 10.16 -49.52
N ILE A 131 14.61 9.48 -48.46
CA ILE A 131 14.72 10.13 -47.16
C ILE A 131 15.66 11.33 -47.24
N CYS A 132 16.76 11.18 -47.98
CA CYS A 132 17.76 12.24 -48.06
C CYS A 132 17.20 13.48 -48.73
N ILE A 133 16.62 13.33 -49.91
CA ILE A 133 16.12 14.48 -50.66
C ILE A 133 14.90 15.10 -50.00
N ASN A 134 14.14 14.34 -49.22
CA ASN A 134 12.94 14.92 -48.59
C ASN A 134 13.27 15.73 -47.34
N ILE A 135 14.30 15.33 -46.59
CA ILE A 135 14.76 16.15 -45.48
C ILE A 135 15.24 17.50 -46.00
N GLU A 136 16.10 17.48 -47.02
CA GLU A 136 16.69 18.72 -47.52
C GLU A 136 15.66 19.61 -48.20
N THR A 137 14.70 19.01 -48.90
CA THR A 137 13.65 19.81 -49.53
C THR A 137 12.78 20.48 -48.48
N ASP A 138 12.47 19.79 -47.39
CA ASP A 138 11.72 20.42 -46.30
C ASP A 138 12.59 21.43 -45.56
N VAL A 139 13.89 21.16 -45.47
CA VAL A 139 14.80 22.09 -44.80
C VAL A 139 14.85 23.42 -45.55
N GLU A 140 15.01 23.35 -46.87
CA GLU A 140 15.06 24.57 -47.67
C GLU A 140 13.73 25.32 -47.61
N ILE A 141 12.62 24.59 -47.68
CA ILE A 141 11.30 25.22 -47.66
C ILE A 141 11.11 26.01 -46.37
N GLY A 142 11.70 25.53 -45.27
CA GLY A 142 11.50 26.17 -43.98
C GLY A 142 12.17 27.52 -43.86
N VAL A 143 13.26 27.73 -44.60
CA VAL A 143 14.07 28.94 -44.44
C VAL A 143 14.05 29.85 -45.66
N GLN A 144 13.54 29.39 -46.80
CA GLN A 144 13.57 30.19 -48.02
C GLN A 144 12.44 31.22 -48.02
N TYR A 145 12.64 32.27 -48.85
CA TYR A 145 11.59 33.22 -49.16
C TYR A 145 11.98 33.97 -50.42
N VAL A 146 10.99 34.21 -51.27
CA VAL A 146 11.22 34.87 -52.56
C VAL A 146 11.35 36.37 -52.34
N ASP A 147 12.24 36.99 -53.10
CA ASP A 147 12.44 38.44 -53.11
C ASP A 147 11.18 39.12 -53.63
N PRO A 148 10.48 39.89 -52.79
CA PRO A 148 9.29 40.60 -53.28
C PRO A 148 9.61 41.60 -54.39
N HIS A 149 10.83 42.14 -54.42
CA HIS A 149 11.23 42.99 -55.53
C HIS A 149 11.29 42.20 -56.83
N TRP A 150 11.72 40.94 -56.77
CA TRP A 150 11.75 40.13 -57.98
C TRP A 150 10.36 39.77 -58.45
N LEU A 151 9.37 39.80 -57.57
CA LEU A 151 8.02 39.38 -57.95
C LEU A 151 7.36 40.41 -58.84
N GLU A 152 7.34 41.68 -58.42
CA GLU A 152 6.80 42.73 -59.29
C GLU A 152 7.60 42.85 -60.58
N LEU A 153 8.90 42.55 -60.52
CA LEU A 153 9.74 42.61 -61.71
C LEU A 153 9.35 41.53 -62.70
N VAL A 154 9.33 40.26 -62.27
CA VAL A 154 9.02 39.17 -63.19
C VAL A 154 7.57 39.24 -63.63
N LYS A 155 6.70 39.85 -62.82
CA LYS A 155 5.32 40.08 -63.25
C LYS A 155 5.27 41.08 -64.39
N HIS A 156 6.03 42.18 -64.26
CA HIS A 156 6.15 43.15 -65.35
C HIS A 156 6.64 42.47 -66.63
N ILE A 157 7.68 41.64 -66.52
CA ILE A 157 8.22 40.95 -67.69
C ILE A 157 7.18 40.04 -68.31
N LYS A 158 6.42 39.33 -67.49
CA LYS A 158 5.41 38.40 -67.96
C LYS A 158 4.07 39.06 -68.27
N SER A 159 4.02 40.38 -68.40
CA SER A 159 2.77 41.07 -68.66
C SER A 159 3.01 42.13 -69.73
N ASP A 160 2.14 43.15 -69.75
CA ASP A 160 2.02 44.11 -70.84
C ASP A 160 1.66 43.40 -72.13
N SER A 161 2.58 43.32 -73.09
CA SER A 161 2.25 42.73 -74.39
C SER A 161 3.44 42.01 -75.03
N ARG A 162 4.58 42.70 -75.17
CA ARG A 162 5.75 42.09 -75.78
C ARG A 162 6.18 40.86 -74.98
N LYS A 163 6.45 39.77 -75.70
CA LYS A 163 6.67 38.47 -75.06
C LYS A 163 8.16 38.25 -74.83
N ILE A 164 8.56 38.25 -73.56
CA ILE A 164 9.94 37.94 -73.16
C ILE A 164 9.92 36.61 -72.40
N LYS A 165 10.88 35.75 -72.71
CA LYS A 165 11.01 34.50 -71.98
C LYS A 165 11.98 34.65 -70.81
N VAL A 166 11.70 33.92 -69.74
CA VAL A 166 12.43 34.04 -68.48
C VAL A 166 13.07 32.69 -68.18
N PHE A 167 14.40 32.66 -68.17
CA PHE A 167 15.16 31.48 -67.81
C PHE A 167 15.78 31.66 -66.43
N CYS A 168 16.23 30.55 -65.85
CA CYS A 168 16.92 30.57 -64.55
C CYS A 168 18.19 29.74 -64.65
N VAL A 169 19.33 30.37 -64.44
CA VAL A 169 20.63 29.72 -64.48
C VAL A 169 21.25 29.83 -63.11
N SER A 170 21.57 28.69 -62.50
CA SER A 170 22.11 28.65 -61.15
C SER A 170 23.19 27.58 -61.05
N ASP A 171 24.25 27.90 -60.31
CA ASP A 171 25.28 26.95 -59.95
C ASP A 171 24.89 26.32 -58.62
N PHE A 172 24.42 25.07 -58.67
CA PHE A 172 23.90 24.43 -57.47
C PHE A 172 23.98 22.92 -57.65
N TYR A 173 23.79 22.20 -56.55
CA TYR A 173 23.95 20.75 -56.52
C TYR A 173 22.64 19.99 -56.55
N LEU A 174 21.52 20.65 -56.26
CA LEU A 174 20.25 19.96 -56.23
C LEU A 174 19.74 19.71 -57.65
N PRO A 175 19.01 18.60 -57.85
CA PRO A 175 18.51 18.29 -59.18
C PRO A 175 17.51 19.32 -59.68
N LYS A 176 17.38 19.40 -61.01
CA LYS A 176 16.46 20.36 -61.62
C LYS A 176 15.04 20.14 -61.12
N ALA A 177 14.65 18.88 -60.89
CA ALA A 177 13.32 18.59 -60.39
C ALA A 177 13.11 19.12 -58.98
N THR A 178 14.18 19.25 -58.19
CA THR A 178 14.05 19.79 -56.86
C THR A 178 13.80 21.29 -56.89
N LEU A 179 14.47 22.00 -57.80
CA LEU A 179 14.24 23.45 -57.92
C LEU A 179 12.91 23.74 -58.60
N TYR A 180 12.44 22.83 -59.47
CA TYR A 180 11.06 22.92 -59.94
C TYR A 180 10.08 22.85 -58.77
N SER A 181 10.34 21.96 -57.81
CA SER A 181 9.44 21.83 -56.67
C SER A 181 9.44 23.10 -55.82
N LEU A 182 10.63 23.64 -55.53
CA LEU A 182 10.72 24.84 -54.70
C LEU A 182 9.99 26.00 -55.36
N PHE A 183 10.24 26.23 -56.65
CA PHE A 183 9.60 27.33 -57.35
C PHE A 183 8.09 27.15 -57.41
N ASP A 184 7.63 25.91 -57.63
CA ASP A 184 6.19 25.66 -57.63
C ASP A 184 5.60 25.89 -56.26
N TYR A 185 6.31 25.50 -55.20
CA TYR A 185 5.80 25.68 -53.84
C TYR A 185 5.72 27.16 -53.48
N HIS A 186 6.67 27.96 -53.96
CA HIS A 186 6.64 29.40 -53.71
C HIS A 186 5.65 30.14 -54.61
N GLY A 187 5.08 29.46 -55.60
CA GLY A 187 4.10 30.07 -56.48
C GLY A 187 4.68 30.97 -57.55
N ILE A 188 5.94 30.76 -57.93
CA ILE A 188 6.58 31.60 -58.94
C ILE A 188 6.97 30.83 -60.19
N LEU A 189 6.79 29.51 -60.21
CA LEU A 189 7.13 28.74 -61.40
C LEU A 189 6.23 29.08 -62.58
N ARG A 190 5.11 29.77 -62.33
CA ARG A 190 4.24 30.26 -63.41
C ARG A 190 4.85 31.41 -64.19
N TYR A 191 5.89 32.05 -63.66
CA TYR A 191 6.57 33.15 -64.32
C TYR A 191 7.87 32.72 -64.98
N VAL A 192 8.25 31.46 -64.83
CA VAL A 192 9.53 30.96 -65.32
C VAL A 192 9.26 29.96 -66.44
N ASP A 193 10.13 29.97 -67.45
CA ASP A 193 9.98 29.10 -68.61
C ASP A 193 11.00 27.97 -68.68
N GLU A 194 12.19 28.16 -68.10
CA GLU A 194 13.20 27.11 -68.07
C GLU A 194 13.99 27.23 -66.77
N ILE A 195 14.49 26.10 -66.28
CA ILE A 195 15.36 26.04 -65.11
C ILE A 195 16.62 25.28 -65.51
N TYR A 196 17.77 25.94 -65.43
CA TYR A 196 19.06 25.33 -65.77
C TYR A 196 19.96 25.35 -64.53
N VAL A 197 20.27 24.16 -64.01
CA VAL A 197 21.05 23.99 -62.79
C VAL A 197 22.36 23.32 -63.15
N SER A 198 23.45 23.78 -62.52
CA SER A 198 24.78 23.24 -62.82
C SER A 198 24.92 21.77 -62.44
N SER A 199 23.94 21.17 -61.78
CA SER A 199 24.06 19.81 -61.30
C SER A 199 23.60 18.76 -62.31
N GLU A 200 22.85 19.15 -63.33
CA GLU A 200 22.32 18.17 -64.27
C GLU A 200 23.32 17.81 -65.34
N ILE A 201 24.14 18.77 -65.78
CA ILE A 201 25.17 18.54 -66.79
C ILE A 201 26.57 18.81 -66.26
N LEU A 202 26.69 19.23 -64.99
CA LEU A 202 27.97 19.45 -64.33
C LEU A 202 28.81 20.50 -65.06
N LEU A 203 28.14 21.51 -65.58
CA LEU A 203 28.77 22.70 -66.16
C LEU A 203 28.25 23.91 -65.41
N THR A 204 29.17 24.83 -65.08
CA THR A 204 28.88 25.91 -64.16
C THR A 204 28.90 27.27 -64.85
N LYS A 205 28.25 28.24 -64.21
CA LYS A 205 28.35 29.63 -64.65
C LYS A 205 29.73 30.20 -64.37
N LYS A 206 30.39 29.74 -63.31
CA LYS A 206 31.75 30.20 -63.02
C LYS A 206 32.70 29.86 -64.17
N SER A 207 32.70 28.61 -64.62
CA SER A 207 33.51 28.23 -65.77
C SER A 207 32.99 28.81 -67.07
N GLY A 208 31.77 29.35 -67.09
CA GLY A 208 31.17 29.82 -68.31
C GLY A 208 30.65 28.74 -69.23
N ARG A 209 31.03 27.47 -69.01
CA ARG A 209 30.60 26.43 -69.94
C ARG A 209 29.10 26.21 -69.91
N LEU A 210 28.47 26.45 -68.75
CA LEU A 210 27.01 26.30 -68.67
C LEU A 210 26.30 27.31 -69.55
N PHE A 211 26.88 28.50 -69.71
CA PHE A 211 26.33 29.48 -70.65
C PHE A 211 26.50 29.00 -72.09
N ASP A 212 27.68 28.45 -72.41
CA ASP A 212 27.91 27.93 -73.76
C ASP A 212 26.88 26.86 -74.12
N PHE A 213 26.40 26.12 -73.12
CA PHE A 213 25.44 25.06 -73.40
C PHE A 213 24.04 25.62 -73.67
N ILE A 214 23.62 26.61 -72.88
CA ILE A 214 22.28 27.14 -73.03
C ILE A 214 22.14 27.92 -74.33
N LEU A 215 23.14 28.75 -74.66
CA LEU A 215 23.07 29.54 -75.88
C LEU A 215 23.11 28.67 -77.12
N GLU A 216 23.85 27.56 -77.07
CA GLU A 216 23.99 26.69 -78.24
C GLU A 216 22.72 25.88 -78.47
N LEU A 217 22.20 25.25 -77.42
CA LEU A 217 21.02 24.40 -77.56
C LEU A 217 19.80 25.19 -78.01
N HIS A 218 19.49 26.27 -77.29
CA HIS A 218 18.34 27.11 -77.62
C HIS A 218 18.59 28.01 -78.82
N LYS A 219 19.81 28.01 -79.36
CA LYS A 219 20.17 28.82 -80.52
C LYS A 219 19.91 30.30 -80.27
N ILE A 220 20.47 30.81 -79.17
CA ILE A 220 20.27 32.19 -78.75
C ILE A 220 21.44 33.04 -79.21
N ALA A 221 21.14 34.24 -79.71
CA ALA A 221 22.19 35.21 -79.94
C ALA A 221 22.57 35.86 -78.62
N PRO A 222 23.86 35.86 -78.25
CA PRO A 222 24.25 36.37 -76.92
C PRO A 222 23.71 37.76 -76.59
N SER A 223 23.75 38.69 -77.55
CA SER A 223 23.33 40.05 -77.27
C SER A 223 21.84 40.18 -77.03
N ASN A 224 21.07 39.11 -77.17
CA ASN A 224 19.63 39.12 -76.91
C ASN A 224 19.30 38.60 -75.51
N VAL A 225 20.29 38.53 -74.63
CA VAL A 225 20.11 37.98 -73.28
C VAL A 225 20.51 39.03 -72.26
N LEU A 226 19.69 39.18 -71.24
CA LEU A 226 20.02 40.00 -70.07
C LEU A 226 20.14 39.07 -68.87
N MET A 227 21.37 38.91 -68.37
CA MET A 227 21.62 38.12 -67.18
C MET A 227 21.53 39.00 -65.94
N VAL A 228 20.88 38.48 -64.90
CA VAL A 228 20.65 39.23 -63.67
C VAL A 228 21.00 38.33 -62.50
N GLY A 229 22.01 38.74 -61.72
CA GLY A 229 22.41 37.96 -60.57
C GLY A 229 23.08 38.77 -59.48
N ASP A 230 23.58 38.08 -58.45
CA ASP A 230 24.22 38.72 -57.31
C ASP A 230 25.73 38.56 -57.28
N ASN A 231 26.27 37.53 -57.92
CA ASN A 231 27.72 37.29 -58.00
C ASN A 231 28.30 38.09 -59.16
N GLU A 232 29.42 38.78 -58.90
CA GLU A 232 30.02 39.58 -59.96
C GLU A 232 30.74 38.72 -60.99
N ILE A 233 31.31 37.58 -60.58
CA ILE A 233 32.04 36.73 -61.51
C ILE A 233 31.07 35.91 -62.37
N SER A 234 30.21 35.13 -61.72
CA SER A 234 29.34 34.20 -62.44
C SER A 234 28.12 34.89 -63.05
N ASP A 235 27.67 36.01 -62.49
CA ASP A 235 26.48 36.69 -62.99
C ASP A 235 26.78 37.97 -63.74
N TYR A 236 28.04 38.39 -63.86
CA TYR A 236 28.36 39.57 -64.65
C TYR A 236 29.59 39.36 -65.53
N LYS A 237 30.75 39.15 -64.91
CA LYS A 237 32.01 39.13 -65.66
C LYS A 237 31.99 38.06 -66.76
N VAL A 238 31.56 36.85 -66.43
CA VAL A 238 31.50 35.77 -67.40
C VAL A 238 30.38 36.03 -68.41
N PRO A 239 29.17 36.44 -68.00
CA PRO A 239 28.16 36.79 -69.01
C PRO A 239 28.60 37.88 -69.97
N ILE A 240 29.27 38.93 -69.47
CA ILE A 240 29.73 40.00 -70.35
C ILE A 240 30.75 39.46 -71.34
N GLU A 241 31.63 38.57 -70.89
CA GLU A 241 32.60 37.96 -71.78
C GLU A 241 31.93 37.12 -72.86
N LYS A 242 30.87 36.39 -72.49
CA LYS A 242 30.15 35.55 -73.43
C LYS A 242 29.36 36.36 -74.45
N GLY A 243 29.22 37.67 -74.26
CA GLY A 243 28.51 38.53 -75.20
C GLY A 243 27.15 38.99 -74.72
N MET A 244 26.70 38.55 -73.56
CA MET A 244 25.38 38.93 -73.07
C MET A 244 25.44 40.27 -72.33
N LYS A 245 24.29 40.93 -72.27
CA LYS A 245 24.10 42.05 -71.36
C LYS A 245 23.80 41.49 -69.97
N ALA A 246 24.40 42.10 -68.95
CA ALA A 246 24.28 41.62 -67.58
C ALA A 246 23.92 42.78 -66.65
N TYR A 247 23.30 42.42 -65.52
CA TYR A 247 23.03 43.38 -64.46
C TYR A 247 23.38 42.75 -63.14
N LEU A 248 24.24 43.42 -62.37
CA LEU A 248 24.69 42.94 -61.07
C LEU A 248 23.92 43.69 -59.98
N ILE A 249 23.05 42.97 -59.28
CA ILE A 249 22.28 43.55 -58.18
C ILE A 249 23.10 43.43 -56.91
N ASP A 250 22.90 44.36 -55.98
CA ASP A 250 23.66 44.40 -54.74
C ASP A 250 22.99 43.56 -53.67
N ARG A 251 23.80 42.79 -52.94
CA ARG A 251 23.31 41.95 -51.85
C ARG A 251 24.08 42.19 -50.55
N THR A 252 24.71 43.36 -50.40
CA THR A 252 25.48 43.61 -49.20
C THR A 252 24.62 43.55 -47.95
N LYS A 253 23.34 43.93 -48.06
CA LYS A 253 22.46 43.87 -46.89
C LYS A 253 22.04 42.44 -46.59
N GLN A 254 21.91 41.59 -47.61
CA GLN A 254 21.54 40.20 -47.40
C GLN A 254 22.72 39.38 -46.91
N PHE A 255 23.94 39.69 -47.35
CA PHE A 255 25.11 38.93 -46.91
C PHE A 255 25.63 39.39 -45.56
N ASN A 256 25.22 40.56 -45.08
CA ASN A 256 25.49 40.92 -43.70
C ASN A 256 24.61 40.13 -42.75
N LYS A 257 23.35 39.91 -43.14
CA LYS A 257 22.47 39.07 -42.33
C LYS A 257 23.01 37.65 -42.21
N TYR A 258 23.56 37.12 -43.30
CA TYR A 258 24.21 35.81 -43.23
C TYR A 258 25.46 35.85 -42.37
N ALA A 259 26.11 37.02 -42.29
CA ALA A 259 27.36 37.13 -41.55
C ALA A 259 27.12 37.03 -40.04
N GLU A 260 26.16 37.80 -39.52
CA GLU A 260 25.86 37.74 -38.10
C GLU A 260 25.10 36.48 -37.71
N HIS A 261 24.39 35.86 -38.64
CA HIS A 261 23.73 34.59 -38.35
C HIS A 261 24.74 33.45 -38.29
N GLU A 262 25.82 33.52 -39.07
CA GLU A 262 26.87 32.52 -38.97
C GLU A 262 27.72 32.74 -37.72
N ARG A 263 27.75 33.97 -37.21
CA ARG A 263 28.42 34.25 -35.95
C ARG A 263 27.80 33.46 -34.80
N ILE A 264 26.50 33.19 -34.89
CA ILE A 264 25.74 32.67 -33.78
C ILE A 264 25.44 31.19 -33.92
N HIS A 265 25.13 30.71 -35.13
CA HIS A 265 24.65 29.34 -35.33
C HIS A 265 25.75 28.51 -36.00
N LYS A 266 26.42 27.67 -35.22
CA LYS A 266 27.39 26.74 -35.78
C LYS A 266 26.80 25.33 -35.78
N ILE A 267 27.63 24.34 -36.09
CA ILE A 267 27.12 22.98 -36.23
C ILE A 267 26.70 22.41 -34.88
N ASN A 268 27.39 22.81 -33.80
CA ASN A 268 27.22 22.16 -32.51
C ASN A 268 26.89 23.13 -31.39
N THR A 269 26.71 24.42 -31.68
CA THR A 269 26.48 25.42 -30.64
C THR A 269 25.65 26.57 -31.21
N ILE A 270 25.08 27.34 -30.31
CA ILE A 270 24.49 28.65 -30.61
C ILE A 270 24.98 29.60 -29.53
N VAL A 271 25.86 30.53 -29.91
CA VAL A 271 26.42 31.44 -28.93
C VAL A 271 25.30 32.28 -28.32
N GLY A 272 25.43 32.60 -27.04
CA GLY A 272 24.41 33.39 -26.36
C GLY A 272 23.08 32.70 -26.14
N ILE A 273 23.02 31.37 -26.27
CA ILE A 273 21.75 30.68 -26.09
C ILE A 273 21.34 30.67 -24.62
N GLU A 274 22.30 30.66 -23.69
CA GLU A 274 21.96 30.66 -22.28
C GLU A 274 21.30 31.98 -21.89
N SER A 275 21.98 33.10 -22.16
CA SER A 275 21.41 34.41 -21.83
C SER A 275 20.13 34.67 -22.59
N GLN A 276 19.98 34.10 -23.79
CA GLN A 276 18.77 34.33 -24.57
C GLN A 276 17.56 33.65 -23.93
N LEU A 277 17.73 32.38 -23.54
CA LEU A 277 16.64 31.68 -22.86
C LEU A 277 16.33 32.33 -21.51
N ILE A 278 17.37 32.59 -20.72
CA ILE A 278 17.18 33.20 -19.40
C ILE A 278 16.48 34.54 -19.52
N LYS A 279 16.87 35.34 -20.51
CA LYS A 279 16.17 36.60 -20.74
C LYS A 279 14.74 36.37 -21.22
N MET A 280 14.54 35.37 -22.09
CA MET A 280 13.18 34.99 -22.47
C MET A 280 12.37 34.45 -21.31
N ALA A 281 13.04 33.97 -20.25
CA ALA A 281 12.36 33.42 -19.10
C ALA A 281 12.08 34.45 -18.01
N ASN A 282 12.64 35.66 -18.14
CA ASN A 282 12.36 36.72 -17.19
C ASN A 282 11.11 37.52 -17.55
N ASP A 283 10.77 37.60 -18.83
CA ASP A 283 9.65 38.40 -19.28
C ASP A 283 8.34 37.63 -19.37
N PHE A 284 8.39 36.30 -19.39
CA PHE A 284 7.19 35.49 -19.42
C PHE A 284 6.55 35.30 -18.05
N ARG A 285 7.25 35.68 -16.97
CA ARG A 285 6.88 35.20 -15.64
C ARG A 285 5.56 35.79 -15.16
N LYS A 286 5.23 37.01 -15.58
CA LYS A 286 4.00 37.64 -15.13
C LYS A 286 2.80 37.30 -16.00
N ILE A 287 2.99 36.58 -17.11
CA ILE A 287 1.90 36.25 -18.02
C ILE A 287 0.83 35.47 -17.28
N THR A 288 1.13 34.24 -16.88
CA THR A 288 0.25 33.41 -16.07
C THR A 288 1.05 32.84 -14.91
N PRO A 289 0.38 32.47 -13.82
CA PRO A 289 1.07 31.77 -12.74
C PRO A 289 1.73 30.50 -13.25
N PHE A 290 3.02 30.36 -12.95
CA PHE A 290 3.85 29.24 -13.43
C PHE A 290 3.84 29.19 -14.96
N HIS A 291 4.13 30.33 -15.57
CA HIS A 291 4.19 30.36 -17.03
C HIS A 291 5.46 29.69 -17.57
N ASN A 292 6.50 29.56 -16.75
CA ASN A 292 7.82 29.19 -17.23
C ASN A 292 8.07 27.68 -17.25
N ILE A 293 7.07 26.86 -16.95
CA ILE A 293 7.23 25.44 -17.21
C ILE A 293 7.11 25.11 -18.69
N ILE A 294 6.75 26.11 -19.50
CA ILE A 294 6.66 25.91 -20.94
C ILE A 294 8.03 25.61 -21.52
N PHE A 295 9.11 26.09 -20.88
CA PHE A 295 10.45 25.73 -21.30
C PHE A 295 10.70 24.23 -21.10
N SER A 296 10.24 23.68 -19.97
CA SER A 296 10.36 22.24 -19.76
C SER A 296 9.56 21.47 -20.78
N LEU A 297 8.36 21.96 -21.13
CA LEU A 297 7.53 21.28 -22.11
C LEU A 297 8.16 21.34 -23.50
N PHE A 298 8.86 22.43 -23.83
CA PHE A 298 9.53 22.47 -25.12
C PHE A 298 10.65 21.44 -25.19
N TYR A 299 11.42 21.31 -24.10
CA TYR A 299 12.43 20.25 -24.06
C TYR A 299 11.80 18.88 -24.20
N PHE A 300 10.67 18.65 -23.52
CA PHE A 300 9.99 17.37 -23.63
C PHE A 300 9.54 17.11 -25.06
N ILE A 301 8.91 18.10 -25.68
CA ILE A 301 8.38 17.92 -27.03
C ILE A 301 9.51 17.68 -28.04
N LYS A 302 10.61 18.44 -27.91
CA LYS A 302 11.70 18.33 -28.88
C LYS A 302 12.44 17.01 -28.73
N LYS A 303 12.72 16.61 -27.49
CA LYS A 303 13.43 15.35 -27.27
C LYS A 303 12.52 14.14 -27.53
N LEU A 304 11.23 14.27 -27.21
CA LEU A 304 10.29 13.21 -27.53
C LEU A 304 10.25 12.94 -29.03
N HIS A 305 10.19 14.01 -29.83
CA HIS A 305 10.11 13.85 -31.28
C HIS A 305 11.33 13.14 -31.84
N GLU A 306 12.52 13.53 -31.38
CA GLU A 306 13.73 12.82 -31.78
C GLU A 306 13.64 11.34 -31.44
N THR A 307 13.06 11.02 -30.29
CA THR A 307 13.00 9.62 -29.85
C THR A 307 12.01 8.82 -30.69
N LEU A 308 10.87 9.41 -31.05
CA LEU A 308 9.89 8.71 -31.86
C LEU A 308 10.41 8.48 -33.28
N VAL A 309 11.01 9.52 -33.88
CA VAL A 309 11.58 9.36 -35.22
C VAL A 309 12.74 8.39 -35.19
N ASN A 310 13.56 8.44 -34.13
CA ASN A 310 14.68 7.52 -33.99
C ASN A 310 14.19 6.07 -33.91
N ARG A 311 13.14 5.84 -33.15
CA ARG A 311 12.53 4.52 -33.06
C ARG A 311 11.73 4.15 -34.30
N GLY A 312 11.65 5.02 -35.30
CA GLY A 312 10.88 4.72 -36.49
C GLY A 312 9.38 4.74 -36.29
N VAL A 313 8.90 5.57 -35.36
CA VAL A 313 7.48 5.60 -35.00
C VAL A 313 6.73 6.49 -35.98
N LYS A 314 5.66 5.96 -36.58
CA LYS A 314 4.78 6.71 -37.45
C LYS A 314 3.48 7.13 -36.78
N ASP A 315 3.05 6.42 -35.72
CA ASP A 315 1.81 6.70 -35.03
C ASP A 315 2.07 6.75 -33.53
N VAL A 316 1.50 7.75 -32.86
CA VAL A 316 1.65 7.91 -31.42
C VAL A 316 0.32 8.36 -30.83
N PHE A 317 -0.03 7.80 -29.68
CA PHE A 317 -1.27 8.11 -28.98
C PHE A 317 -0.99 9.00 -27.78
N PHE A 318 -1.80 10.05 -27.63
CA PHE A 318 -1.75 10.91 -26.45
C PHE A 318 -2.91 10.56 -25.54
N LEU A 319 -2.61 10.24 -24.28
CA LEU A 319 -3.62 9.76 -23.35
C LEU A 319 -4.38 10.92 -22.72
N SER A 320 -5.71 10.79 -22.69
CA SER A 320 -6.51 11.66 -21.86
C SER A 320 -6.11 11.48 -20.40
N ARG A 321 -6.19 12.56 -19.62
CA ARG A 321 -6.66 13.86 -20.09
C ARG A 321 -5.50 14.86 -20.15
N GLU A 322 -4.44 14.55 -19.39
CA GLU A 322 -3.27 15.42 -19.38
C GLU A 322 -2.59 15.49 -20.74
N GLY A 323 -2.83 14.51 -21.62
CA GLY A 323 -2.20 14.49 -22.91
C GLY A 323 -2.87 15.29 -23.99
N GLU A 324 -3.99 15.94 -23.68
CA GLU A 324 -4.65 16.79 -24.67
C GLU A 324 -3.80 18.02 -24.98
N TYR A 325 -3.30 18.69 -23.94
CA TYR A 325 -2.41 19.82 -24.16
C TYR A 325 -1.02 19.39 -24.62
N LEU A 326 -0.61 18.16 -24.31
CA LEU A 326 0.67 17.67 -24.81
C LEU A 326 0.62 17.44 -26.31
N LYS A 327 -0.49 16.89 -26.81
CA LYS A 327 -0.65 16.70 -28.26
C LYS A 327 -0.76 18.04 -28.98
N LYS A 328 -1.46 19.00 -28.37
CA LYS A 328 -1.56 20.33 -28.94
C LYS A 328 -0.19 20.93 -29.20
N LEU A 329 0.72 20.80 -28.23
CA LEU A 329 2.05 21.34 -28.40
C LEU A 329 2.89 20.50 -29.37
N PHE A 330 2.64 19.20 -29.43
CA PHE A 330 3.38 18.35 -30.36
C PHE A 330 2.94 18.56 -31.80
N ASP A 331 1.66 18.82 -32.04
CA ASP A 331 1.22 19.14 -33.40
C ASP A 331 1.76 20.49 -33.85
N ILE A 332 1.78 21.46 -32.93
CA ILE A 332 2.36 22.78 -33.25
C ILE A 332 3.83 22.64 -33.61
N TYR A 333 4.58 21.90 -32.78
CA TYR A 333 6.02 21.80 -32.95
C TYR A 333 6.40 21.28 -34.33
N GLN A 334 5.73 20.20 -34.79
CA GLN A 334 6.02 19.68 -36.12
C GLN A 334 5.76 20.73 -37.19
N GLY A 335 4.75 21.57 -36.99
CA GLY A 335 4.48 22.62 -37.95
C GLY A 335 5.49 23.75 -37.89
N GLN A 336 6.05 24.02 -36.71
CA GLN A 336 7.06 25.05 -36.57
C GLN A 336 8.44 24.60 -37.03
N GLU A 337 8.69 23.30 -37.11
CA GLU A 337 9.96 22.79 -37.61
C GLU A 337 9.98 22.65 -39.13
N GLY A 338 8.84 22.76 -39.79
CA GLY A 338 8.79 22.58 -41.23
C GLY A 338 8.72 21.15 -41.68
N PHE A 339 8.34 20.22 -40.80
CA PHE A 339 8.15 18.83 -41.19
C PHE A 339 6.95 18.73 -42.11
N ARG A 340 7.17 18.27 -43.34
CA ARG A 340 6.12 18.35 -44.36
C ARG A 340 5.90 17.00 -45.04
N ASN A 341 6.99 16.36 -45.48
CA ASN A 341 6.92 15.09 -46.17
C ASN A 341 7.78 13.99 -45.55
N ILE A 342 8.60 14.30 -44.54
CA ILE A 342 9.44 13.29 -43.91
C ILE A 342 9.56 13.65 -42.45
N GLN A 343 9.83 12.64 -41.62
CA GLN A 343 9.94 12.83 -40.17
C GLN A 343 8.69 13.47 -39.61
N THR A 344 7.53 13.16 -40.20
CA THR A 344 6.26 13.68 -39.72
C THR A 344 5.47 12.52 -39.12
N ILE A 345 4.84 12.76 -37.98
CA ILE A 345 4.21 11.71 -37.18
C ILE A 345 2.74 12.03 -37.04
N ASN A 346 1.88 11.03 -37.26
CA ASN A 346 0.47 11.18 -37.03
C ASN A 346 0.16 10.98 -35.55
N THR A 347 -0.61 11.89 -34.98
CA THR A 347 -0.94 11.87 -33.56
C THR A 347 -2.44 11.66 -33.38
N HIS A 348 -2.81 10.89 -32.37
CA HIS A 348 -4.21 10.65 -32.04
C HIS A 348 -4.46 11.03 -30.59
N TYR A 349 -5.70 10.83 -30.15
CA TYR A 349 -6.11 11.12 -28.78
C TYR A 349 -6.87 9.90 -28.26
N LEU A 350 -6.25 9.18 -27.33
CA LEU A 350 -6.83 7.96 -26.79
C LEU A 350 -7.57 8.29 -25.50
N LEU A 351 -8.89 8.12 -25.51
CA LEU A 351 -9.72 8.38 -24.33
C LEU A 351 -9.61 7.20 -23.39
N VAL A 352 -8.71 7.31 -22.41
CA VAL A 352 -8.48 6.27 -21.42
C VAL A 352 -8.35 6.91 -20.05
N SER A 353 -8.72 6.14 -19.02
CA SER A 353 -8.53 6.52 -17.63
C SER A 353 -8.16 5.27 -16.86
N ARG A 354 -7.66 5.48 -15.63
CA ARG A 354 -7.34 4.34 -14.77
C ARG A 354 -8.53 3.41 -14.61
N LYS A 355 -9.72 3.99 -14.40
CA LYS A 355 -10.92 3.18 -14.17
C LYS A 355 -11.35 2.45 -15.43
N ALA A 356 -11.28 3.12 -16.58
CA ALA A 356 -11.72 2.53 -17.84
C ALA A 356 -10.79 1.42 -18.33
N THR A 357 -9.53 1.40 -17.91
CA THR A 357 -8.56 0.46 -18.44
C THR A 357 -8.16 -0.63 -17.46
N TYR A 358 -8.59 -0.57 -16.21
CA TYR A 358 -8.16 -1.58 -15.24
C TYR A 358 -9.00 -2.85 -15.33
N LEU A 359 -10.32 -2.72 -15.35
CA LEU A 359 -11.23 -3.86 -15.39
C LEU A 359 -10.92 -4.81 -16.55
N PRO A 360 -10.86 -4.35 -17.81
CA PRO A 360 -10.63 -5.29 -18.91
C PRO A 360 -9.25 -5.92 -18.91
N SER A 361 -8.31 -5.42 -18.10
CA SER A 361 -6.96 -5.97 -18.06
C SER A 361 -6.80 -7.09 -17.04
N LEU A 362 -7.81 -7.31 -16.19
CA LEU A 362 -7.68 -8.24 -15.08
C LEU A 362 -7.61 -9.68 -15.56
N LYS A 363 -7.18 -10.56 -14.66
CA LYS A 363 -7.19 -12.00 -14.88
C LYS A 363 -8.59 -12.52 -14.63
N PRO A 364 -8.86 -13.79 -14.95
CA PRO A 364 -10.08 -14.41 -14.43
C PRO A 364 -10.05 -14.42 -12.91
N ILE A 365 -11.26 -14.37 -12.32
CA ILE A 365 -11.38 -14.20 -10.87
C ILE A 365 -10.65 -15.30 -10.11
N GLU A 366 -10.36 -16.43 -10.76
CA GLU A 366 -9.64 -17.51 -10.09
C GLU A 366 -8.18 -17.17 -9.83
N SER A 367 -7.64 -16.17 -10.52
CA SER A 367 -6.26 -15.76 -10.34
C SER A 367 -6.08 -14.30 -9.95
N GLU A 368 -7.13 -13.49 -10.02
CA GLU A 368 -6.98 -12.04 -9.80
C GLU A 368 -6.93 -11.73 -8.32
N THR A 369 -5.86 -11.06 -7.90
CA THR A 369 -5.70 -10.63 -6.51
C THR A 369 -5.99 -9.14 -6.32
N PHE A 370 -6.08 -8.37 -7.41
CA PHE A 370 -6.32 -6.92 -7.35
C PHE A 370 -5.17 -6.18 -6.66
N ASN A 371 -3.95 -6.69 -6.77
CA ASN A 371 -2.83 -6.11 -6.03
C ASN A 371 -2.52 -4.70 -6.49
N ILE A 372 -2.63 -4.44 -7.80
CA ILE A 372 -2.39 -3.09 -8.33
C ILE A 372 -3.30 -2.09 -7.63
N LEU A 373 -4.53 -2.51 -7.31
CA LEU A 373 -5.46 -1.66 -6.60
C LEU A 373 -5.18 -1.60 -5.11
N PHE A 374 -4.66 -2.69 -4.53
CA PHE A 374 -4.43 -2.77 -3.10
C PHE A 374 -3.07 -2.24 -2.66
N ARG A 375 -2.18 -1.90 -3.60
CA ARG A 375 -0.86 -1.39 -3.23
C ARG A 375 -0.88 0.07 -2.80
N GLN A 376 -1.87 0.83 -3.26
CA GLN A 376 -1.98 2.23 -2.88
C GLN A 376 -3.24 2.55 -2.10
N TYR A 377 -4.34 1.82 -2.34
CA TYR A 377 -5.60 2.07 -1.65
C TYR A 377 -5.97 0.85 -0.84
N ARG A 378 -6.21 1.05 0.45
CA ARG A 378 -6.53 0.01 1.41
C ARG A 378 -7.75 0.37 2.26
N LYS A 379 -7.88 1.65 2.66
CA LYS A 379 -9.01 2.14 3.43
C LYS A 379 -10.08 2.63 2.46
N ILE A 380 -10.84 1.68 1.92
CA ILE A 380 -11.82 1.96 0.88
C ILE A 380 -13.14 1.30 1.24
N SER A 381 -14.18 1.67 0.50
CA SER A 381 -15.51 1.10 0.66
C SER A 381 -15.80 0.14 -0.50
N ALA A 382 -16.90 -0.60 -0.36
CA ALA A 382 -17.33 -1.47 -1.46
C ALA A 382 -17.70 -0.65 -2.68
N TYR A 383 -18.31 0.52 -2.48
CA TYR A 383 -18.59 1.43 -3.59
C TYR A 383 -17.30 1.85 -4.28
N ASP A 384 -16.24 2.09 -3.51
CA ASP A 384 -14.95 2.41 -4.10
C ASP A 384 -14.39 1.22 -4.85
N PHE A 385 -14.46 0.03 -4.26
CA PHE A 385 -13.90 -1.16 -4.91
C PHE A 385 -14.68 -1.51 -6.17
N LEU A 386 -16.01 -1.53 -6.11
CA LEU A 386 -16.80 -1.87 -7.27
C LEU A 386 -16.72 -0.82 -8.37
N SER A 387 -16.37 0.42 -8.04
CA SER A 387 -16.18 1.43 -9.08
C SER A 387 -14.79 1.35 -9.70
N SER A 388 -13.78 0.96 -8.91
CA SER A 388 -12.43 0.83 -9.45
C SER A 388 -12.34 -0.32 -10.45
N ILE A 389 -13.09 -1.39 -10.24
CA ILE A 389 -13.12 -2.49 -11.21
C ILE A 389 -14.31 -2.24 -12.13
N ASN A 390 -14.89 -1.04 -12.00
CA ASN A 390 -15.79 -0.48 -13.01
C ASN A 390 -17.07 -1.30 -13.16
N PHE A 391 -17.72 -1.58 -12.03
CA PHE A 391 -19.05 -2.17 -12.06
C PHE A 391 -20.11 -1.08 -12.16
N THR A 392 -21.30 -1.47 -12.61
CA THR A 392 -22.40 -0.54 -12.78
C THR A 392 -23.18 -0.39 -11.48
N SER A 393 -23.94 0.71 -11.39
CA SER A 393 -24.74 0.96 -10.20
C SER A 393 -25.81 -0.13 -10.00
N ASP A 394 -26.27 -0.74 -11.08
CA ASP A 394 -27.22 -1.84 -10.95
C ASP A 394 -26.56 -3.07 -10.35
N ALA A 395 -25.34 -3.40 -10.79
CA ALA A 395 -24.59 -4.47 -10.15
C ALA A 395 -24.29 -4.12 -8.70
N MET A 396 -23.92 -2.86 -8.43
CA MET A 396 -23.68 -2.45 -7.06
C MET A 396 -24.96 -2.50 -6.22
N ASN A 397 -26.09 -2.08 -6.80
CA ASN A 397 -27.38 -2.14 -6.11
C ASN A 397 -27.96 -3.54 -6.04
N LEU A 398 -27.33 -4.52 -6.69
CA LEU A 398 -27.75 -5.91 -6.54
C LEU A 398 -26.83 -6.70 -5.61
N LEU A 399 -25.51 -6.49 -5.71
CA LEU A 399 -24.58 -7.19 -4.84
C LEU A 399 -24.78 -6.77 -3.39
N SER A 400 -24.86 -5.47 -3.13
CA SER A 400 -25.12 -5.00 -1.76
C SER A 400 -26.48 -5.47 -1.28
N THR A 401 -27.47 -5.49 -2.18
CA THR A 401 -28.82 -5.93 -1.80
C THR A 401 -28.86 -7.43 -1.58
N GLU A 402 -28.07 -8.19 -2.35
CA GLU A 402 -28.09 -9.64 -2.23
C GLU A 402 -27.25 -10.14 -1.06
N LEU A 403 -26.15 -9.46 -0.74
CA LEU A 403 -25.21 -9.92 0.27
C LEU A 403 -25.33 -9.19 1.59
N ALA A 404 -26.36 -8.35 1.76
CA ALA A 404 -26.69 -7.73 3.03
C ALA A 404 -25.50 -6.96 3.61
N PHE A 405 -24.88 -6.12 2.78
CA PHE A 405 -23.80 -5.25 3.23
C PHE A 405 -24.06 -3.83 2.74
N ASP A 406 -23.43 -2.87 3.41
CA ASP A 406 -23.56 -1.47 3.08
C ASP A 406 -22.51 -1.10 2.04
N LEU A 407 -22.98 -0.70 0.85
CA LEU A 407 -22.08 -0.27 -0.22
C LEU A 407 -21.29 0.97 0.18
N GLN A 408 -21.88 1.80 1.05
CA GLN A 408 -21.29 3.09 1.40
C GLN A 408 -20.20 2.96 2.46
N ARG A 409 -20.27 1.93 3.31
CA ARG A 409 -19.38 1.83 4.45
C ARG A 409 -17.94 1.59 4.02
N VAL A 410 -17.02 2.42 4.52
CA VAL A 410 -15.60 2.30 4.23
C VAL A 410 -14.95 1.41 5.29
N GLU A 411 -14.04 0.54 4.86
CA GLU A 411 -13.35 -0.39 5.73
C GLU A 411 -11.90 0.04 5.94
N ASP A 412 -11.32 -0.39 7.06
CA ASP A 412 -9.94 -0.05 7.39
C ASP A 412 -8.95 -0.90 6.61
N ASP A 413 -9.27 -2.17 6.36
CA ASP A 413 -8.45 -3.06 5.54
C ASP A 413 -9.41 -3.87 4.67
N PHE A 414 -9.71 -3.34 3.49
CA PHE A 414 -10.67 -3.98 2.60
C PHE A 414 -10.24 -5.37 2.13
N PRO A 415 -8.98 -5.60 1.72
CA PRO A 415 -8.62 -6.94 1.26
C PRO A 415 -8.88 -8.04 2.28
N THR A 416 -8.83 -7.73 3.57
CA THR A 416 -9.16 -8.69 4.62
C THR A 416 -10.54 -8.43 5.21
N SER A 417 -11.40 -7.70 4.50
CA SER A 417 -12.72 -7.38 5.02
C SER A 417 -13.69 -8.53 4.78
N SER A 418 -14.73 -8.57 5.62
CA SER A 418 -15.81 -9.52 5.40
C SER A 418 -16.51 -9.25 4.07
N THR A 419 -16.74 -7.98 3.75
CA THR A 419 -17.46 -7.62 2.54
C THR A 419 -16.67 -8.02 1.29
N PHE A 420 -15.35 -7.90 1.33
CA PHE A 420 -14.54 -8.38 0.20
C PHE A 420 -14.57 -9.89 0.11
N GLN A 421 -14.54 -10.57 1.27
CA GLN A 421 -14.63 -12.03 1.26
C GLN A 421 -16.00 -12.49 0.78
N LYS A 422 -17.05 -11.76 1.13
CA LYS A 422 -18.39 -12.08 0.62
C LYS A 422 -18.44 -11.98 -0.90
N LEU A 423 -17.89 -10.89 -1.45
CA LEU A 423 -17.97 -10.67 -2.90
C LEU A 423 -17.22 -11.73 -3.67
N MET A 424 -15.98 -12.04 -3.25
CA MET A 424 -15.18 -13.03 -3.96
C MET A 424 -15.88 -14.39 -4.03
N LYS A 425 -16.62 -14.75 -2.99
CA LYS A 425 -17.35 -16.01 -2.97
C LYS A 425 -18.70 -15.94 -3.67
N SER A 426 -19.31 -14.75 -3.76
CA SER A 426 -20.64 -14.64 -4.33
C SER A 426 -20.62 -15.02 -5.81
N ASP A 427 -21.64 -15.78 -6.23
CA ASP A 427 -21.73 -16.16 -7.63
C ASP A 427 -22.30 -15.04 -8.51
N THR A 428 -23.12 -14.15 -7.94
CA THR A 428 -23.58 -12.99 -8.70
C THR A 428 -22.41 -12.10 -9.10
N PHE A 429 -21.54 -11.77 -8.13
CA PHE A 429 -20.30 -11.07 -8.44
C PHE A 429 -19.49 -11.85 -9.47
N ARG A 430 -19.29 -13.14 -9.22
CA ARG A 430 -18.50 -13.98 -10.11
C ARG A 430 -19.07 -14.02 -11.53
N ASN A 431 -20.39 -13.80 -11.67
CA ASN A 431 -21.00 -13.74 -12.98
C ASN A 431 -20.77 -12.39 -13.65
N ILE A 432 -21.10 -11.30 -12.95
CA ILE A 432 -20.91 -9.96 -13.50
C ILE A 432 -19.43 -9.70 -13.78
N TYR A 433 -18.54 -10.27 -12.97
CA TYR A 433 -17.11 -10.04 -13.14
C TYR A 433 -16.61 -10.59 -14.47
N GLU A 434 -16.88 -11.86 -14.75
CA GLU A 434 -16.42 -12.45 -16.00
C GLU A 434 -17.11 -11.82 -17.20
N ARG A 435 -18.36 -11.38 -17.05
CA ARG A 435 -19.10 -10.85 -18.19
C ARG A 435 -18.60 -9.45 -18.57
N GLU A 436 -18.32 -8.61 -17.57
CA GLU A 436 -17.90 -7.25 -17.82
C GLU A 436 -16.40 -7.11 -18.03
N ARG A 437 -15.61 -8.10 -17.61
CA ARG A 437 -14.18 -8.07 -17.91
C ARG A 437 -13.92 -8.42 -19.37
N ASN A 438 -14.63 -9.43 -19.89
CA ASN A 438 -14.41 -9.84 -21.27
C ASN A 438 -15.08 -8.88 -22.25
N GLU A 439 -16.17 -8.22 -21.84
CA GLU A 439 -16.84 -7.29 -22.74
C GLU A 439 -16.05 -6.00 -22.90
N GLN A 440 -15.58 -5.43 -21.78
CA GLN A 440 -14.76 -4.22 -21.87
C GLN A 440 -13.48 -4.49 -22.63
N ASN A 441 -12.91 -5.68 -22.48
CA ASN A 441 -11.73 -6.04 -23.27
C ASN A 441 -12.05 -6.07 -24.75
N ARG A 442 -13.19 -6.67 -25.11
CA ARG A 442 -13.60 -6.70 -26.51
C ARG A 442 -13.97 -5.30 -27.00
N LEU A 443 -14.66 -4.53 -26.16
CA LEU A 443 -15.13 -3.21 -26.58
C LEU A 443 -13.98 -2.21 -26.70
N PHE A 444 -12.99 -2.30 -25.82
CA PHE A 444 -11.84 -1.39 -25.92
C PHE A 444 -11.00 -1.71 -27.15
N LYS A 445 -10.81 -3.00 -27.45
CA LYS A 445 -9.94 -3.36 -28.57
C LYS A 445 -10.53 -2.91 -29.90
N LYS A 446 -11.85 -3.01 -30.05
CA LYS A 446 -12.49 -2.48 -31.25
C LYS A 446 -12.56 -0.96 -31.24
N TYR A 447 -12.49 -0.34 -30.06
CA TYR A 447 -12.35 1.11 -30.01
C TYR A 447 -10.99 1.55 -30.54
N VAL A 448 -9.96 0.73 -30.35
CA VAL A 448 -8.63 1.08 -30.84
C VAL A 448 -8.50 0.80 -32.34
N ASP A 449 -9.24 -0.18 -32.85
CA ASP A 449 -9.20 -0.48 -34.28
C ASP A 449 -9.74 0.68 -35.12
N GLN A 450 -10.51 1.59 -34.53
CA GLN A 450 -11.03 2.74 -35.25
C GLN A 450 -9.97 3.80 -35.52
N PHE A 451 -8.74 3.62 -35.05
CA PHE A 451 -7.69 4.61 -35.20
C PHE A 451 -6.76 4.35 -36.39
N ASN A 452 -6.89 3.19 -37.04
CA ASN A 452 -6.10 2.87 -38.24
C ASN A 452 -4.60 2.85 -37.93
N VAL A 453 -4.23 2.22 -36.83
CA VAL A 453 -2.84 2.06 -36.43
C VAL A 453 -2.50 0.58 -36.38
N ASP A 454 -1.36 0.21 -36.96
CA ASP A 454 -0.92 -1.19 -36.98
C ASP A 454 -0.04 -1.42 -35.75
N LEU A 455 -0.60 -2.13 -34.76
CA LEU A 455 0.14 -2.49 -33.56
C LEU A 455 1.16 -3.58 -33.80
N THR A 456 1.32 -4.04 -35.05
CA THR A 456 2.32 -5.05 -35.35
C THR A 456 3.72 -4.54 -35.04
N ASN A 457 4.02 -3.30 -35.41
CA ASN A 457 5.31 -2.70 -35.06
C ASN A 457 5.34 -2.21 -33.62
N GLY A 458 4.20 -1.97 -33.01
CA GLY A 458 4.12 -1.58 -31.61
C GLY A 458 3.12 -0.46 -31.36
N MET A 459 2.60 -0.43 -30.14
CA MET A 459 1.71 0.63 -29.68
C MET A 459 2.55 1.66 -28.93
N HIS A 460 2.55 2.90 -29.42
CA HIS A 460 3.41 3.95 -28.89
C HIS A 460 2.56 5.01 -28.22
N ILE A 461 2.83 5.25 -26.93
CA ILE A 461 1.96 6.02 -26.06
C ILE A 461 2.77 7.08 -25.34
N VAL A 462 2.16 8.24 -25.11
CA VAL A 462 2.81 9.34 -24.40
C VAL A 462 1.86 9.91 -23.35
N ASP A 463 2.43 10.30 -22.21
CA ASP A 463 1.66 10.80 -21.07
C ASP A 463 2.63 11.49 -20.12
N VAL A 464 2.08 12.14 -19.09
CA VAL A 464 2.90 12.67 -18.03
C VAL A 464 3.38 11.50 -17.19
N GLY A 465 2.44 10.82 -16.53
CA GLY A 465 2.69 9.49 -15.99
C GLY A 465 3.10 9.38 -14.54
N TRP A 466 4.39 9.64 -14.28
CA TRP A 466 5.13 9.30 -13.08
C TRP A 466 5.35 7.79 -13.00
N LYS A 467 4.30 7.01 -13.27
CA LYS A 467 4.35 5.57 -13.10
C LYS A 467 3.99 4.78 -14.35
N GLY A 468 3.22 5.35 -15.27
CA GLY A 468 2.73 4.59 -16.40
C GLY A 468 1.72 3.52 -16.00
N THR A 469 0.76 3.85 -15.13
CA THR A 469 -0.22 2.87 -14.67
C THR A 469 -1.08 2.36 -15.83
N ILE A 470 -1.63 3.29 -16.63
CA ILE A 470 -2.50 2.90 -17.73
C ILE A 470 -1.76 2.02 -18.73
N GLN A 471 -0.48 2.28 -18.94
CA GLN A 471 0.30 1.47 -19.88
C GLN A 471 0.39 0.03 -19.42
N ASP A 472 0.56 -0.19 -18.11
CA ASP A 472 0.54 -1.55 -17.58
C ASP A 472 -0.80 -2.22 -17.86
N ASN A 473 -1.89 -1.47 -17.73
CA ASN A 473 -3.20 -2.03 -18.06
C ASN A 473 -3.30 -2.34 -19.54
N LEU A 474 -2.88 -1.41 -20.39
CA LEU A 474 -2.98 -1.61 -21.84
C LEU A 474 -2.21 -2.86 -22.27
N PHE A 475 -1.00 -3.05 -21.76
CA PHE A 475 -0.20 -4.19 -22.14
C PHE A 475 -0.87 -5.50 -21.74
N ASN A 476 -1.48 -5.54 -20.55
CA ASN A 476 -2.19 -6.72 -20.12
C ASN A 476 -3.44 -6.97 -20.97
N ILE A 477 -4.10 -5.88 -21.40
CA ILE A 477 -5.34 -6.03 -22.16
C ILE A 477 -5.10 -6.86 -23.41
N TYR A 478 -3.97 -6.66 -24.06
CA TYR A 478 -3.59 -7.41 -25.25
C TYR A 478 -2.88 -8.73 -24.93
N ASN A 479 -2.82 -9.11 -23.66
CA ASN A 479 -2.28 -10.40 -23.23
C ASN A 479 -0.84 -10.60 -23.73
N GLY A 480 -0.08 -9.51 -23.76
CA GLY A 480 1.31 -9.55 -24.15
C GLY A 480 1.58 -9.74 -25.63
N GLU A 481 0.55 -9.84 -26.45
CA GLU A 481 0.71 -10.00 -27.89
C GLU A 481 1.03 -8.69 -28.60
N VAL A 482 1.03 -7.57 -27.88
CA VAL A 482 1.22 -6.25 -28.47
C VAL A 482 2.33 -5.56 -27.70
N SER A 483 3.43 -5.27 -28.38
CA SER A 483 4.51 -4.51 -27.77
C SER A 483 4.06 -3.07 -27.53
N VAL A 484 4.22 -2.60 -26.29
CA VAL A 484 3.77 -1.28 -25.88
C VAL A 484 4.98 -0.47 -25.45
N PHE A 485 5.13 0.73 -26.01
CA PHE A 485 6.23 1.62 -25.72
C PHE A 485 5.70 2.89 -25.07
N GLY A 486 6.19 3.19 -23.88
CA GLY A 486 5.76 4.36 -23.13
C GLY A 486 6.81 5.46 -23.18
N TYR A 487 6.36 6.69 -23.37
CA TYR A 487 7.23 7.87 -23.39
C TYR A 487 6.60 8.92 -22.47
N TYR A 488 7.24 9.17 -21.34
CA TYR A 488 6.66 10.00 -20.30
C TYR A 488 7.52 11.24 -20.07
N LEU A 489 6.85 12.34 -19.71
CA LEU A 489 7.56 13.54 -19.28
C LEU A 489 8.53 13.19 -18.16
N GLY A 490 8.04 12.53 -17.12
CA GLY A 490 8.89 12.03 -16.06
C GLY A 490 8.47 10.64 -15.66
N ILE A 491 9.42 9.92 -15.07
CA ILE A 491 9.19 8.56 -14.59
C ILE A 491 9.88 8.42 -13.23
N VAL A 492 9.10 8.19 -12.20
CA VAL A 492 9.64 7.95 -10.86
C VAL A 492 9.48 6.50 -10.42
N ALA A 493 8.55 5.75 -11.00
CA ALA A 493 8.28 4.38 -10.59
C ALA A 493 8.16 3.50 -11.83
N ALA A 494 8.82 2.34 -11.79
CA ALA A 494 8.85 1.47 -12.97
C ALA A 494 7.55 0.72 -13.16
N GLY A 495 6.82 0.44 -12.08
CA GLY A 495 5.61 -0.35 -12.20
C GLY A 495 5.92 -1.75 -12.69
N GLU A 496 5.07 -2.24 -13.60
CA GLU A 496 5.26 -3.57 -14.18
C GLU A 496 6.07 -3.54 -15.46
N MET A 497 7.16 -2.77 -15.48
CA MET A 497 8.03 -2.75 -16.65
C MET A 497 8.66 -4.13 -16.84
N ARG A 498 8.65 -4.60 -18.09
CA ARG A 498 9.20 -5.91 -18.45
C ARG A 498 9.33 -5.97 -19.96
N PRO A 499 9.90 -7.04 -20.54
CA PRO A 499 9.95 -7.13 -22.01
C PRO A 499 8.57 -6.97 -22.63
N GLY A 500 8.49 -6.13 -23.66
CA GLY A 500 7.24 -5.79 -24.28
C GLY A 500 6.48 -4.66 -23.62
N ASN A 501 6.85 -4.28 -22.40
CA ASN A 501 6.24 -3.18 -21.67
C ASN A 501 7.34 -2.19 -21.32
N ASP A 502 7.67 -1.32 -22.27
CA ASP A 502 8.81 -0.42 -22.17
C ASP A 502 8.35 1.00 -21.81
N LYS A 503 9.10 1.64 -20.92
CA LYS A 503 8.79 2.99 -20.45
C LYS A 503 10.02 3.87 -20.58
N GLN A 504 9.78 5.16 -20.82
CA GLN A 504 10.85 6.11 -21.11
C GLN A 504 10.55 7.45 -20.46
N GLY A 505 11.52 7.96 -19.70
CA GLY A 505 11.40 9.29 -19.11
C GLY A 505 12.17 10.32 -19.91
N ILE A 506 11.44 11.19 -20.62
CA ILE A 506 12.08 12.11 -21.54
C ILE A 506 12.76 13.25 -20.78
N LEU A 507 12.01 13.93 -19.90
CA LEU A 507 12.59 15.03 -19.14
C LEU A 507 13.41 14.53 -17.96
N PHE A 508 12.88 13.57 -17.20
CA PHE A 508 13.60 12.99 -16.08
C PHE A 508 13.10 11.58 -15.83
N SER A 509 13.97 10.74 -15.30
CA SER A 509 13.66 9.34 -15.09
C SER A 509 14.57 8.77 -14.01
N SER A 510 14.06 7.76 -13.30
CA SER A 510 14.82 7.04 -12.28
C SER A 510 15.06 5.58 -12.67
N ILE A 511 15.04 5.31 -13.96
CA ILE A 511 15.18 3.94 -14.48
C ILE A 511 16.32 3.91 -15.50
N PRO A 512 17.44 3.25 -15.21
CA PRO A 512 17.73 2.55 -13.95
C PRO A 512 18.17 3.50 -12.86
N VAL A 513 18.93 4.52 -13.25
CA VAL A 513 19.50 5.49 -12.32
C VAL A 513 18.81 6.83 -12.55
N MET A 514 18.87 7.68 -11.52
CA MET A 514 18.37 9.04 -11.66
C MET A 514 19.11 9.75 -12.79
N SER A 515 18.36 10.43 -13.64
CA SER A 515 18.95 11.17 -14.74
C SER A 515 19.43 12.54 -14.27
N SER A 516 20.21 13.20 -15.14
CA SER A 516 20.79 14.50 -14.79
C SER A 516 19.69 15.50 -14.45
N TYR A 517 19.79 16.09 -13.26
CA TYR A 517 18.84 17.10 -12.76
C TYR A 517 17.49 16.47 -12.43
N PHE A 518 17.51 15.29 -11.81
CA PHE A 518 16.28 14.62 -11.39
C PHE A 518 15.54 15.46 -10.36
N GLY A 519 16.26 15.93 -9.34
CA GLY A 519 15.61 16.66 -8.26
C GLY A 519 14.92 17.93 -8.70
N VAL A 520 15.39 18.54 -9.79
CA VAL A 520 14.82 19.80 -10.24
C VAL A 520 13.40 19.60 -10.74
N PHE A 521 13.21 18.74 -11.73
CA PHE A 521 11.90 18.57 -12.32
C PHE A 521 10.97 17.71 -11.47
N ASN A 522 11.51 16.85 -10.61
CA ASN A 522 10.65 16.06 -9.74
C ASN A 522 10.05 16.89 -8.62
N GLU A 523 10.76 17.93 -8.17
CA GLU A 523 10.27 18.76 -7.08
C GLU A 523 9.04 19.54 -7.51
N ASN A 524 7.98 19.44 -6.72
CA ASN A 524 6.72 20.14 -6.99
C ASN A 524 6.17 19.77 -8.36
N ARG A 525 6.30 18.49 -8.72
CA ARG A 525 5.83 18.00 -10.02
C ARG A 525 4.32 18.04 -10.17
N ALA A 526 3.58 18.41 -9.12
CA ALA A 526 2.13 18.47 -9.20
C ALA A 526 1.64 19.58 -10.12
N ILE A 527 2.46 20.60 -10.37
CA ILE A 527 2.04 21.71 -11.22
C ILE A 527 1.82 21.26 -12.66
N TYR A 528 2.44 20.15 -13.08
CA TYR A 528 2.19 19.63 -14.42
C TYR A 528 0.76 19.13 -14.56
N GLU A 529 0.26 18.40 -13.56
CA GLU A 529 -1.11 17.90 -13.60
C GLU A 529 -2.11 19.06 -13.58
N VAL A 530 -1.77 20.14 -12.88
CA VAL A 530 -2.68 21.28 -12.77
C VAL A 530 -2.80 22.02 -14.10
N LEU A 531 -1.67 22.36 -14.70
CA LEU A 531 -1.66 23.16 -15.92
C LEU A 531 -2.01 22.34 -17.16
N LEU A 532 -2.04 21.02 -17.07
CA LEU A 532 -2.33 20.16 -18.20
C LEU A 532 -3.73 19.53 -18.08
N GLY A 533 -4.67 20.30 -17.55
CA GLY A 533 -6.06 19.84 -17.52
C GLY A 533 -6.66 19.86 -18.91
N ALA A 534 -7.66 19.00 -19.11
CA ALA A 534 -8.31 18.87 -20.40
C ALA A 534 -9.69 19.52 -20.36
N SER A 535 -10.29 19.62 -21.55
CA SER A 535 -11.56 20.30 -21.73
C SER A 535 -12.78 19.43 -21.46
N HIS A 536 -12.61 18.12 -21.33
CA HIS A 536 -13.72 17.18 -21.20
C HIS A 536 -13.62 16.44 -19.88
N GLY A 537 -14.61 15.58 -19.62
CA GLY A 537 -14.63 14.75 -18.43
C GLY A 537 -13.75 13.52 -18.57
N SER A 538 -13.68 12.76 -17.48
CA SER A 538 -12.81 11.59 -17.43
C SER A 538 -13.49 10.38 -18.05
N ALA A 539 -12.68 9.55 -18.72
CA ALA A 539 -13.21 8.39 -19.43
C ALA A 539 -13.70 7.34 -18.43
N GLU A 540 -14.92 6.86 -18.64
CA GLU A 540 -15.56 5.92 -17.74
C GLU A 540 -15.53 4.50 -18.28
N ARG A 541 -16.26 4.24 -19.36
CA ARG A 541 -16.44 2.90 -19.86
C ARG A 541 -16.69 2.93 -21.37
N TYR A 542 -16.73 1.75 -21.97
CA TYR A 542 -16.87 1.60 -23.41
C TYR A 542 -18.16 0.87 -23.75
N ASN A 543 -18.85 1.36 -24.77
CA ASN A 543 -20.03 0.70 -25.32
C ASN A 543 -20.30 1.27 -26.70
N PHE A 544 -21.19 0.62 -27.44
CA PHE A 544 -21.50 1.08 -28.79
C PHE A 544 -22.53 2.21 -28.75
N ASN A 545 -22.65 2.91 -29.88
CA ASN A 545 -23.76 3.84 -30.07
C ASN A 545 -24.91 3.11 -30.77
N GLU A 546 -25.57 3.79 -31.71
CA GLU A 546 -26.67 3.17 -32.43
C GLU A 546 -26.16 2.15 -33.45
N SER A 547 -25.10 2.49 -34.18
CA SER A 547 -24.66 1.71 -35.33
C SER A 547 -23.66 0.61 -35.00
N GLY A 548 -23.14 0.57 -33.78
CA GLY A 548 -22.11 -0.38 -33.39
C GLY A 548 -20.74 0.25 -33.17
N LYS A 549 -20.51 1.44 -33.72
CA LYS A 549 -19.30 2.19 -33.44
C LYS A 549 -19.18 2.47 -31.94
N ILE A 550 -17.98 2.30 -31.41
CA ILE A 550 -17.77 2.41 -29.97
C ILE A 550 -17.74 3.87 -29.56
N ILE A 551 -18.50 4.21 -28.52
CA ILE A 551 -18.46 5.53 -27.92
C ILE A 551 -17.94 5.38 -26.50
N VAL A 552 -17.08 6.31 -26.09
CA VAL A 552 -16.48 6.31 -24.76
C VAL A 552 -17.28 7.28 -23.88
N GLU A 553 -17.97 6.73 -22.89
CA GLU A 553 -18.71 7.57 -21.96
C GLU A 553 -17.73 8.27 -21.01
N THR A 554 -17.97 9.55 -20.78
CA THR A 554 -17.15 10.33 -19.86
C THR A 554 -18.03 10.88 -18.74
N SER A 555 -17.44 11.01 -17.56
CA SER A 555 -18.17 11.49 -16.38
C SER A 555 -17.99 13.00 -16.28
N LYS A 556 -19.08 13.73 -16.41
CA LYS A 556 -19.07 15.19 -16.37
C LYS A 556 -19.02 15.62 -14.90
N ASN A 557 -17.83 16.06 -14.47
CA ASN A 557 -17.63 16.60 -13.13
C ASN A 557 -17.63 18.13 -13.25
N GLN A 558 -18.70 18.76 -12.76
CA GLN A 558 -18.96 20.16 -13.10
C GLN A 558 -17.85 21.08 -12.60
N ARG A 559 -17.22 20.75 -11.46
CA ARG A 559 -16.20 21.63 -10.92
C ARG A 559 -14.88 21.51 -11.67
N GLU A 560 -14.54 20.31 -12.17
CA GLU A 560 -13.39 20.19 -13.04
C GLU A 560 -13.60 20.93 -14.36
N PHE A 561 -14.85 21.01 -14.83
CA PHE A 561 -15.14 21.76 -16.03
C PHE A 561 -14.97 23.26 -15.82
N GLU A 562 -15.35 23.76 -14.64
CA GLU A 562 -15.21 25.18 -14.35
C GLU A 562 -13.75 25.58 -14.22
N ILE A 563 -12.93 24.71 -13.61
CA ILE A 563 -11.50 24.99 -13.46
C ILE A 563 -10.86 25.26 -14.82
N TYR A 564 -11.13 24.37 -15.79
CA TYR A 564 -10.53 24.53 -17.10
C TYR A 564 -11.07 25.77 -17.81
N LYS A 565 -12.39 25.92 -17.86
CA LYS A 565 -13.00 26.98 -18.67
C LYS A 565 -12.55 28.36 -18.23
N ASN A 566 -12.39 28.57 -16.92
CA ASN A 566 -12.10 29.89 -16.38
C ASN A 566 -10.63 30.10 -16.02
N ILE A 567 -9.84 29.03 -15.91
CA ILE A 567 -8.45 29.20 -15.49
C ILE A 567 -7.50 28.47 -16.45
N VAL A 568 -7.59 27.15 -16.49
CA VAL A 568 -6.56 26.34 -17.15
C VAL A 568 -6.54 26.61 -18.66
N GLN A 569 -7.71 26.79 -19.26
CA GLN A 569 -7.77 27.04 -20.70
C GLN A 569 -7.06 28.33 -21.06
N HIS A 570 -7.25 29.39 -20.27
CA HIS A 570 -6.64 30.68 -20.59
C HIS A 570 -5.12 30.59 -20.52
N THR A 571 -4.61 29.99 -19.44
CA THR A 571 -3.16 29.84 -19.29
C THR A 571 -2.59 28.84 -20.29
N GLN A 572 -3.41 27.89 -20.75
CA GLN A 572 -2.96 26.96 -21.77
C GLN A 572 -2.70 27.64 -23.10
N GLN A 573 -3.49 28.65 -23.45
CA GLN A 573 -3.26 29.38 -24.70
C GLN A 573 -2.24 30.50 -24.55
N ALA A 574 -2.08 31.05 -23.34
CA ALA A 574 -1.01 32.02 -23.12
C ALA A 574 0.35 31.34 -23.21
N MET A 575 0.45 30.10 -22.72
CA MET A 575 1.71 29.36 -22.84
C MET A 575 1.92 28.87 -24.26
N GLU A 576 0.84 28.71 -25.03
CA GLU A 576 1.00 28.34 -26.44
C GLU A 576 1.76 29.43 -27.19
N GLN A 577 1.58 30.69 -26.79
CA GLN A 577 2.23 31.78 -27.51
C GLN A 577 3.72 31.85 -27.18
N SER A 578 4.06 31.72 -25.90
CA SER A 578 5.46 31.64 -25.52
C SER A 578 6.12 30.39 -26.10
N PHE A 579 5.34 29.34 -26.35
CA PHE A 579 5.88 28.13 -26.97
C PHE A 579 6.28 28.39 -28.41
N ILE A 580 5.53 29.24 -29.11
CA ILE A 580 5.88 29.60 -30.48
C ILE A 580 7.18 30.38 -30.51
N GLU A 581 7.39 31.29 -29.56
CA GLU A 581 8.60 32.08 -29.54
C GLU A 581 9.82 31.24 -29.21
N LEU A 582 9.64 30.23 -28.34
CA LEU A 582 10.70 29.24 -28.14
C LEU A 582 10.97 28.47 -29.42
N CYS A 583 9.95 28.28 -30.28
CA CYS A 583 10.14 27.55 -31.52
C CYS A 583 10.99 28.36 -32.51
N SER A 584 10.68 29.65 -32.67
CA SER A 584 11.44 30.49 -33.60
C SER A 584 12.89 30.62 -33.20
N VAL A 585 13.24 30.30 -31.95
CA VAL A 585 14.61 30.39 -31.50
C VAL A 585 15.31 29.03 -31.50
N LEU A 586 14.57 27.91 -31.37
CA LEU A 586 15.17 26.59 -31.26
C LEU A 586 14.79 25.62 -32.36
N CYS A 587 13.77 25.92 -33.17
CA CYS A 587 13.43 25.06 -34.30
C CYS A 587 14.22 25.48 -35.54
N LYS A 588 14.40 24.53 -36.45
CA LYS A 588 15.21 24.71 -37.65
C LYS A 588 16.66 25.06 -37.28
N LYS A 589 17.26 24.20 -36.47
CA LYS A 589 18.64 24.35 -36.04
C LYS A 589 19.32 22.98 -36.13
N SER A 590 20.63 22.98 -35.85
CA SER A 590 21.44 21.77 -35.92
C SER A 590 21.84 21.27 -34.54
N ILE A 591 21.30 21.86 -33.48
CA ILE A 591 21.77 21.61 -32.12
C ILE A 591 21.10 20.35 -31.56
N ASP A 592 21.84 19.64 -30.71
CA ASP A 592 21.28 18.58 -29.88
C ASP A 592 20.71 19.24 -28.62
N ILE A 593 19.40 19.16 -28.44
CA ILE A 593 18.75 19.88 -27.35
C ILE A 593 19.23 19.39 -25.99
N SER A 594 19.66 18.13 -25.91
CA SER A 594 20.12 17.58 -24.64
C SER A 594 21.39 18.24 -24.13
N LYS A 595 22.14 18.91 -25.00
CA LYS A 595 23.36 19.59 -24.58
C LYS A 595 23.10 20.79 -23.67
N TYR A 596 21.83 21.24 -23.58
CA TYR A 596 21.50 22.41 -22.79
C TYR A 596 20.39 22.13 -21.77
N LEU A 597 20.24 20.86 -21.36
CA LEU A 597 19.27 20.54 -20.30
C LEU A 597 19.58 21.31 -19.02
N GLU A 598 20.84 21.64 -18.79
CA GLU A 598 21.22 22.42 -17.61
C GLU A 598 20.59 23.80 -17.64
N ILE A 599 20.46 24.40 -18.82
CA ILE A 599 19.82 25.71 -18.91
C ILE A 599 18.34 25.61 -18.58
N PHE A 600 17.68 24.54 -19.03
CA PHE A 600 16.28 24.34 -18.68
C PHE A 600 16.13 24.02 -17.21
N ALA A 601 17.05 23.23 -16.66
CA ALA A 601 17.04 22.97 -15.21
C ALA A 601 17.23 24.25 -14.44
N LYS A 602 18.09 25.16 -14.94
CA LYS A 602 18.26 26.46 -14.32
C LYS A 602 16.94 27.24 -14.27
N ILE A 603 16.28 27.35 -15.42
CA ILE A 603 15.06 28.15 -15.52
C ILE A 603 13.97 27.54 -14.64
N HIS A 604 13.85 26.21 -14.67
CA HIS A 604 12.82 25.54 -13.88
C HIS A 604 13.01 25.80 -12.39
N ALA A 605 14.26 25.78 -11.92
CA ALA A 605 14.53 25.95 -10.49
C ALA A 605 14.21 27.36 -10.02
N GLU A 606 14.31 28.36 -10.90
CA GLU A 606 14.11 29.74 -10.48
C GLU A 606 12.66 30.05 -10.13
N PHE A 607 11.73 29.11 -10.37
CA PHE A 607 10.35 29.30 -9.92
C PHE A 607 9.82 28.10 -9.13
N ILE A 608 10.66 27.10 -8.84
CA ILE A 608 10.32 26.05 -7.90
C ILE A 608 11.09 26.19 -6.60
N LEU A 609 12.36 26.61 -6.66
CA LEU A 609 13.14 26.89 -5.47
C LEU A 609 12.89 28.29 -4.93
N ASN A 610 12.18 29.12 -5.68
CA ASN A 610 11.77 30.45 -5.22
C ASN A 610 10.50 30.90 -5.92
N PRO A 611 9.39 30.18 -5.78
CA PRO A 611 8.13 30.64 -6.39
C PRO A 611 7.60 31.86 -5.65
N ASN A 612 7.45 32.96 -6.38
CA ASN A 612 7.13 34.25 -5.77
C ASN A 612 5.67 34.34 -5.38
N LYS A 613 5.41 35.08 -4.30
CA LYS A 613 4.10 35.58 -3.90
C LYS A 613 2.92 34.66 -4.22
N GLN A 614 1.96 35.17 -5.00
CA GLN A 614 0.65 34.53 -5.18
C GLN A 614 0.72 33.25 -6.00
N GLU A 615 1.82 32.97 -6.71
CA GLU A 615 1.93 31.70 -7.40
C GLU A 615 1.64 30.52 -6.47
N LEU A 616 2.02 30.63 -5.21
CA LEU A 616 1.71 29.56 -4.26
C LEU A 616 0.20 29.43 -4.04
N GLN A 617 -0.51 30.56 -3.90
CA GLN A 617 -1.94 30.47 -3.63
C GLN A 617 -2.72 29.97 -4.84
N PHE A 618 -2.21 30.21 -6.05
CA PHE A 618 -2.83 29.63 -7.25
C PHE A 618 -2.71 28.12 -7.26
N PHE A 619 -1.64 27.58 -6.65
CA PHE A 619 -1.44 26.13 -6.64
C PHE A 619 -2.45 25.44 -5.73
N ASP A 620 -2.78 26.04 -4.60
CA ASP A 620 -3.73 25.43 -3.68
C ASP A 620 -5.15 25.46 -4.23
N LYS A 621 -5.49 26.48 -5.02
CA LYS A 621 -6.86 26.59 -5.54
C LYS A 621 -7.25 25.37 -6.38
N LEU A 622 -6.27 24.71 -6.99
CA LEU A 622 -6.55 23.58 -7.85
C LEU A 622 -5.41 22.58 -7.85
N ASP B 33 -27.51 -33.99 78.41
CA ASP B 33 -27.05 -35.25 78.98
C ASP B 33 -25.64 -35.12 79.55
N GLU B 34 -25.16 -33.88 79.68
CA GLU B 34 -23.81 -33.61 80.17
C GLU B 34 -22.78 -34.38 79.37
N TYR B 35 -22.43 -33.87 78.20
CA TYR B 35 -21.45 -34.48 77.32
C TYR B 35 -20.08 -33.86 77.56
N GLU B 36 -19.05 -34.70 77.42
CA GLU B 36 -17.65 -34.26 77.45
C GLU B 36 -17.10 -33.98 76.06
N TYR B 37 -17.46 -34.80 75.08
CA TYR B 37 -17.01 -34.63 73.70
C TYR B 37 -18.22 -34.65 72.78
N VAL B 38 -18.25 -33.72 71.83
CA VAL B 38 -19.19 -33.74 70.72
C VAL B 38 -18.40 -34.04 69.47
N PHE B 39 -18.77 -35.10 68.76
CA PHE B 39 -18.07 -35.51 67.56
C PHE B 39 -18.91 -35.14 66.34
N PHE B 40 -18.37 -34.29 65.48
CA PHE B 40 -19.10 -33.80 64.32
C PHE B 40 -18.57 -34.44 63.05
N ASP B 41 -19.49 -34.84 62.17
CA ASP B 41 -19.12 -35.11 60.79
C ASP B 41 -18.83 -33.79 60.08
N ILE B 42 -18.07 -33.87 58.99
CA ILE B 42 -17.64 -32.65 58.31
C ILE B 42 -18.56 -32.35 57.13
N PHE B 43 -18.43 -33.10 56.04
CA PHE B 43 -19.11 -32.75 54.80
C PHE B 43 -20.59 -33.11 54.86
N ASP B 44 -21.45 -32.16 54.47
CA ASP B 44 -22.90 -32.28 54.58
C ASP B 44 -23.35 -32.40 56.04
N THR B 45 -22.54 -31.83 56.94
CA THR B 45 -22.92 -31.63 58.33
C THR B 45 -22.43 -30.26 58.76
N ILE B 46 -21.13 -30.01 58.61
CA ILE B 46 -20.53 -28.70 58.86
C ILE B 46 -20.33 -27.92 57.57
N LEU B 47 -19.64 -28.51 56.60
CA LEU B 47 -19.36 -27.86 55.33
C LEU B 47 -20.33 -28.37 54.27
N LEU B 48 -21.03 -27.44 53.63
CA LEU B 48 -21.96 -27.74 52.55
C LEU B 48 -21.38 -27.29 51.22
N ARG B 49 -22.00 -27.74 50.13
CA ARG B 49 -21.53 -27.46 48.79
C ARG B 49 -22.68 -26.98 47.92
N ASN B 50 -22.38 -26.05 47.01
CA ASN B 50 -23.27 -25.68 45.93
C ASN B 50 -23.01 -26.47 44.65
N VAL B 51 -22.34 -27.61 44.80
CA VAL B 51 -22.01 -28.51 43.70
C VAL B 51 -22.05 -29.93 44.27
N TYR B 52 -22.59 -30.87 43.51
CA TYR B 52 -22.70 -32.21 44.04
C TYR B 52 -21.31 -32.81 44.26
N PRO B 53 -21.08 -33.48 45.39
CA PRO B 53 -19.71 -33.76 45.85
C PRO B 53 -18.80 -34.38 44.82
N GLU B 54 -19.33 -35.19 43.89
CA GLU B 54 -18.47 -35.80 42.90
C GLU B 54 -18.01 -34.81 41.84
N TYR B 55 -18.74 -33.71 41.66
CA TYR B 55 -18.38 -32.73 40.64
C TYR B 55 -17.08 -32.00 40.96
N THR B 56 -16.64 -32.02 42.22
CA THR B 56 -15.37 -31.41 42.56
C THR B 56 -14.21 -32.13 41.86
N LYS B 57 -14.30 -33.46 41.77
CA LYS B 57 -13.29 -34.22 41.06
C LYS B 57 -13.34 -33.99 39.56
N MET B 58 -14.51 -33.59 39.03
CA MET B 58 -14.60 -33.26 37.61
C MET B 58 -14.02 -31.88 37.32
N ILE B 59 -14.30 -30.91 38.20
CA ILE B 59 -13.66 -29.60 38.06
C ILE B 59 -12.14 -29.74 38.18
N TRP B 60 -11.70 -30.52 39.15
CA TRP B 60 -10.27 -30.82 39.29
C TRP B 60 -9.73 -31.50 38.04
N SER B 61 -10.56 -32.35 37.41
CA SER B 61 -10.11 -33.06 36.21
C SER B 61 -9.99 -32.10 35.03
N LYS B 62 -10.93 -31.19 34.86
CA LYS B 62 -10.83 -30.21 33.78
C LYS B 62 -9.61 -29.32 33.98
N ARG B 63 -9.36 -28.88 35.21
CA ARG B 63 -8.24 -27.98 35.47
C ARG B 63 -6.91 -28.71 35.42
N MET B 64 -6.89 -30.01 35.69
CA MET B 64 -5.68 -30.80 35.49
C MET B 64 -5.40 -30.99 34.00
N SER B 65 -6.45 -31.08 33.18
CA SER B 65 -6.26 -31.18 31.74
C SER B 65 -5.67 -29.90 31.16
N VAL B 66 -6.12 -28.75 31.67
CA VAL B 66 -5.56 -27.48 31.22
C VAL B 66 -4.13 -27.33 31.73
N GLN B 67 -3.84 -27.88 32.90
CA GLN B 67 -2.52 -27.72 33.50
C GLN B 67 -1.44 -28.44 32.68
N PHE B 68 -1.78 -29.60 32.12
CA PHE B 68 -0.76 -30.45 31.51
C PHE B 68 -0.94 -30.60 30.01
N GLY B 69 -0.88 -29.50 29.28
CA GLY B 69 -0.79 -29.52 27.82
C GLY B 69 -1.95 -30.15 27.09
N ASP B 70 -3.07 -30.43 27.76
CA ASP B 70 -4.24 -31.09 27.17
C ASP B 70 -3.89 -32.44 26.56
N LYS B 71 -2.80 -33.07 27.00
CA LYS B 71 -2.48 -34.40 26.50
C LYS B 71 -3.57 -35.40 26.88
N LEU B 72 -4.23 -35.17 28.01
CA LEU B 72 -5.38 -35.96 28.44
C LEU B 72 -6.58 -35.04 28.56
N THR B 73 -7.69 -35.44 27.94
CA THR B 73 -8.90 -34.63 28.00
C THR B 73 -9.43 -34.54 29.43
N ALA B 74 -10.32 -33.59 29.66
CA ALA B 74 -10.91 -33.43 30.99
C ALA B 74 -11.61 -34.69 31.44
N GLU B 75 -12.18 -35.46 30.51
CA GLU B 75 -12.87 -36.68 30.88
C GLU B 75 -11.91 -37.85 31.05
N GLU B 76 -10.84 -37.88 30.24
CA GLU B 76 -9.90 -39.00 30.32
C GLU B 76 -9.17 -39.04 31.65
N VAL B 77 -8.73 -37.87 32.15
CA VAL B 77 -8.07 -37.82 33.45
C VAL B 77 -9.05 -38.18 34.56
N TYR B 78 -10.34 -37.89 34.36
CA TYR B 78 -11.35 -38.22 35.36
C TYR B 78 -11.64 -39.72 35.38
N GLN B 79 -11.65 -40.37 34.21
CA GLN B 79 -11.75 -41.82 34.18
C GLN B 79 -10.56 -42.46 34.90
N LEU B 80 -9.38 -41.84 34.77
CA LEU B 80 -8.19 -42.34 35.46
C LEU B 80 -8.37 -42.30 36.97
N ARG B 81 -8.87 -41.17 37.48
CA ARG B 81 -9.07 -41.06 38.93
C ARG B 81 -10.02 -42.11 39.44
N SER B 82 -11.11 -42.37 38.72
CA SER B 82 -12.07 -43.39 39.14
C SER B 82 -11.42 -44.77 39.13
N GLU B 83 -10.68 -45.10 38.07
CA GLU B 83 -10.02 -46.40 37.98
C GLU B 83 -9.07 -46.63 39.15
N ILE B 84 -8.43 -45.57 39.65
CA ILE B 84 -7.49 -45.70 40.74
C ILE B 84 -8.20 -45.70 42.09
N GLU B 85 -9.17 -44.81 42.29
CA GLU B 85 -9.85 -44.72 43.57
C GLU B 85 -10.57 -46.03 43.90
N ALA B 86 -11.26 -46.61 42.92
CA ALA B 86 -11.90 -47.89 43.16
C ALA B 86 -10.88 -49.01 43.30
N ARG B 87 -9.70 -48.84 42.69
CA ARG B 87 -8.62 -49.82 42.85
C ARG B 87 -8.06 -49.79 44.27
N LEU B 88 -7.77 -48.58 44.77
CA LEU B 88 -7.15 -48.47 46.09
C LEU B 88 -8.10 -48.90 47.20
N CYS B 89 -9.41 -48.66 47.03
CA CYS B 89 -10.38 -49.07 48.04
C CYS B 89 -10.35 -50.58 48.22
N ILE B 90 -10.35 -51.32 47.12
CA ILE B 90 -10.31 -52.79 47.20
C ILE B 90 -8.95 -53.25 47.71
N GLU B 91 -7.87 -52.65 47.19
CA GLU B 91 -6.53 -53.07 47.58
C GLU B 91 -6.27 -52.81 49.06
N ASN B 92 -6.64 -51.62 49.54
CA ASN B 92 -6.49 -51.33 50.96
C ASN B 92 -7.34 -52.24 51.83
N GLU B 93 -8.38 -52.84 51.26
CA GLU B 93 -9.26 -53.72 52.03
C GLU B 93 -8.60 -55.08 52.27
N GLN B 94 -8.22 -55.76 51.19
CA GLN B 94 -7.61 -57.09 51.27
C GLN B 94 -6.19 -57.06 51.81
N SER B 95 -5.67 -55.90 52.21
CA SER B 95 -4.39 -55.80 52.89
C SER B 95 -4.54 -55.72 54.40
N GLY B 96 -5.74 -55.95 54.92
CA GLY B 96 -5.99 -55.88 56.34
C GLY B 96 -6.47 -54.53 56.84
N LYS B 97 -6.64 -53.55 55.95
CA LYS B 97 -7.17 -52.26 56.33
C LYS B 97 -8.60 -52.14 55.81
N ASP B 98 -9.10 -50.90 55.72
CA ASP B 98 -10.48 -50.66 55.32
C ASP B 98 -10.55 -50.19 53.87
N LYS B 99 -11.77 -49.86 53.44
CA LYS B 99 -12.02 -49.41 52.07
C LYS B 99 -11.83 -47.89 52.02
N GLU B 100 -10.62 -47.48 51.69
CA GLU B 100 -10.26 -46.06 51.66
C GLU B 100 -8.97 -45.92 50.87
N PHE B 101 -8.52 -44.68 50.71
CA PHE B 101 -7.21 -44.42 50.11
C PHE B 101 -6.68 -43.11 50.65
N HIS B 102 -5.35 -43.01 50.75
CA HIS B 102 -4.70 -41.75 51.04
C HIS B 102 -4.48 -40.99 49.74
N TYR B 103 -4.62 -39.66 49.81
CA TYR B 103 -4.54 -38.85 48.61
C TYR B 103 -3.22 -39.07 47.88
N MET B 104 -2.13 -39.24 48.63
CA MET B 104 -0.85 -39.54 48.01
C MET B 104 -0.85 -40.90 47.32
N GLN B 105 -1.71 -41.83 47.75
CA GLN B 105 -1.81 -43.11 47.05
C GLN B 105 -2.48 -42.94 45.69
N LEU B 106 -3.46 -42.04 45.59
CA LEU B 106 -4.04 -41.73 44.30
C LEU B 106 -3.07 -40.93 43.43
N ILE B 107 -2.38 -39.96 44.03
CA ILE B 107 -1.46 -39.12 43.26
C ILE B 107 -0.28 -39.94 42.76
N GLU B 108 0.20 -40.89 43.58
CA GLU B 108 1.27 -41.77 43.15
C GLU B 108 0.90 -42.52 41.87
N GLN B 109 -0.32 -43.05 41.84
CA GLN B 109 -0.76 -43.76 40.64
C GLN B 109 -0.98 -42.81 39.47
N LEU B 110 -1.41 -41.58 39.75
CA LEU B 110 -1.55 -40.58 38.68
C LEU B 110 -0.19 -40.22 38.11
N TYR B 111 0.80 -39.99 38.98
CA TYR B 111 2.15 -39.70 38.52
C TYR B 111 2.72 -40.86 37.70
N ARG B 112 2.25 -42.08 37.95
CA ARG B 112 2.71 -43.22 37.17
C ARG B 112 2.08 -43.23 35.78
N TYR B 113 0.79 -42.92 35.68
CA TYR B 113 0.15 -42.94 34.37
C TYR B 113 0.62 -41.79 33.50
N PHE B 114 0.87 -40.61 34.09
CA PHE B 114 1.35 -39.48 33.33
C PHE B 114 2.78 -39.71 32.83
N ILE B 115 3.57 -40.50 33.56
CA ILE B 115 4.91 -40.83 33.12
C ILE B 115 4.88 -41.96 32.08
N THR B 116 4.06 -42.99 32.31
CA THR B 116 3.94 -44.08 31.35
C THR B 116 3.46 -43.56 30.00
N LYS B 117 2.28 -42.94 29.97
CA LYS B 117 1.72 -42.39 28.73
C LYS B 117 2.33 -41.05 28.36
N LYS B 118 3.43 -40.65 29.02
CA LYS B 118 4.22 -39.49 28.64
C LYS B 118 3.40 -38.21 28.58
N ILE B 119 3.20 -37.55 29.72
CA ILE B 119 2.48 -36.30 29.79
C ILE B 119 3.34 -35.26 30.49
N ILE B 120 4.22 -35.73 31.38
CA ILE B 120 5.06 -34.86 32.19
C ILE B 120 6.52 -35.14 31.87
N SER B 121 7.39 -34.22 32.28
CA SER B 121 8.83 -34.32 32.06
C SER B 121 9.51 -33.28 32.94
N ASP B 122 10.70 -33.63 33.43
CA ASP B 122 11.45 -32.84 34.42
C ASP B 122 10.65 -32.56 35.68
N LEU B 123 9.53 -33.27 35.86
CA LEU B 123 8.56 -32.96 36.90
C LEU B 123 8.64 -34.05 37.96
N SER B 124 9.28 -33.74 39.08
CA SER B 124 9.37 -34.70 40.17
C SER B 124 7.99 -34.94 40.78
N ILE B 125 7.92 -35.90 41.70
CA ILE B 125 6.65 -36.25 42.31
C ILE B 125 6.22 -35.18 43.31
N GLN B 126 7.18 -34.61 44.04
CA GLN B 126 6.86 -33.58 45.03
C GLN B 126 6.17 -32.39 44.39
N SER B 127 6.73 -31.86 43.31
CA SER B 127 6.10 -30.72 42.64
C SER B 127 4.81 -31.12 41.95
N PHE B 128 4.69 -32.39 41.56
CA PHE B 128 3.45 -32.86 40.93
C PHE B 128 2.33 -33.01 41.95
N TYR B 129 2.67 -33.46 43.16
CA TYR B 129 1.68 -33.49 44.23
C TYR B 129 1.23 -32.08 44.60
N ASP B 130 2.17 -31.13 44.67
CA ASP B 130 1.81 -29.75 44.98
C ASP B 130 0.84 -29.19 43.96
N ILE B 131 1.04 -29.52 42.68
CA ILE B 131 0.11 -29.08 41.64
C ILE B 131 -1.27 -29.70 41.87
N CYS B 132 -1.31 -31.02 42.11
CA CYS B 132 -2.58 -31.71 42.27
C CYS B 132 -3.36 -31.18 43.48
N ILE B 133 -2.70 -31.09 44.63
CA ILE B 133 -3.40 -30.73 45.86
C ILE B 133 -3.83 -29.26 45.84
N ASN B 134 -3.08 -28.40 45.15
CA ASN B 134 -3.46 -26.98 45.11
C ASN B 134 -4.67 -26.74 44.22
N ILE B 135 -4.82 -27.51 43.15
CA ILE B 135 -6.03 -27.42 42.34
C ILE B 135 -7.24 -27.88 43.16
N GLU B 136 -7.13 -29.05 43.78
CA GLU B 136 -8.27 -29.62 44.51
C GLU B 136 -8.65 -28.75 45.69
N THR B 137 -7.65 -28.12 46.33
CA THR B 137 -7.95 -27.22 47.45
C THR B 137 -8.71 -26.00 46.97
N ASP B 138 -8.24 -25.37 45.87
CA ASP B 138 -8.92 -24.19 45.36
C ASP B 138 -10.30 -24.52 44.83
N VAL B 139 -10.46 -25.71 44.24
CA VAL B 139 -11.77 -26.15 43.77
C VAL B 139 -12.73 -26.31 44.95
N GLU B 140 -12.26 -26.87 46.05
CA GLU B 140 -13.11 -27.03 47.23
C GLU B 140 -13.47 -25.69 47.83
N ILE B 141 -12.49 -24.79 47.95
CA ILE B 141 -12.72 -23.47 48.53
C ILE B 141 -13.88 -22.78 47.82
N GLY B 142 -13.86 -22.81 46.49
CA GLY B 142 -14.84 -22.13 45.65
C GLY B 142 -16.22 -22.72 45.58
N VAL B 143 -16.49 -23.84 46.27
CA VAL B 143 -17.81 -24.46 46.22
C VAL B 143 -18.33 -24.71 47.63
N GLN B 144 -17.45 -24.63 48.62
CA GLN B 144 -17.83 -24.93 49.99
C GLN B 144 -18.45 -23.73 50.68
N TYR B 145 -19.22 -24.01 51.74
CA TYR B 145 -19.72 -22.99 52.64
C TYR B 145 -20.17 -23.67 53.93
N VAL B 146 -19.87 -23.02 55.05
CA VAL B 146 -20.17 -23.59 56.35
C VAL B 146 -21.65 -23.46 56.63
N ASP B 147 -22.25 -24.50 57.18
CA ASP B 147 -23.64 -24.45 57.60
C ASP B 147 -23.82 -23.39 58.67
N PRO B 148 -24.59 -22.33 58.42
CA PRO B 148 -24.76 -21.29 59.46
C PRO B 148 -25.43 -21.81 60.71
N HIS B 149 -26.34 -22.78 60.59
CA HIS B 149 -26.95 -23.35 61.79
C HIS B 149 -25.92 -24.07 62.63
N TRP B 150 -24.92 -24.70 61.99
CA TRP B 150 -23.85 -25.33 62.74
C TRP B 150 -22.95 -24.30 63.41
N LEU B 151 -22.77 -23.14 62.78
CA LEU B 151 -21.86 -22.14 63.32
C LEU B 151 -22.36 -21.59 64.66
N GLU B 152 -23.66 -21.32 64.76
CA GLU B 152 -24.22 -20.88 66.03
C GLU B 152 -24.19 -22.01 67.07
N LEU B 153 -24.41 -23.25 66.62
CA LEU B 153 -24.41 -24.38 67.53
C LEU B 153 -23.05 -24.57 68.19
N VAL B 154 -21.98 -24.63 67.38
CA VAL B 154 -20.65 -24.78 67.94
C VAL B 154 -20.24 -23.56 68.75
N LYS B 155 -20.87 -22.40 68.50
CA LYS B 155 -20.61 -21.23 69.32
C LYS B 155 -21.27 -21.36 70.69
N HIS B 156 -22.48 -21.93 70.72
CA HIS B 156 -23.12 -22.26 72.00
C HIS B 156 -22.27 -23.24 72.79
N ILE B 157 -21.75 -24.27 72.12
CA ILE B 157 -20.90 -25.25 72.78
C ILE B 157 -19.66 -24.58 73.36
N LYS B 158 -19.09 -23.62 72.65
CA LYS B 158 -17.82 -23.02 73.07
C LYS B 158 -17.98 -21.98 74.17
N SER B 159 -19.21 -21.65 74.56
CA SER B 159 -19.42 -20.63 75.59
C SER B 159 -19.94 -21.26 76.87
N ASP B 160 -21.07 -20.77 77.38
CA ASP B 160 -21.63 -21.20 78.66
C ASP B 160 -20.59 -21.08 79.78
N SER B 161 -20.17 -22.22 80.33
CA SER B 161 -19.22 -22.23 81.44
C SER B 161 -18.44 -23.54 81.52
N ARG B 162 -19.09 -24.65 81.20
CA ARG B 162 -18.40 -25.93 81.12
C ARG B 162 -17.55 -25.99 79.86
N LYS B 163 -16.40 -26.67 79.96
CA LYS B 163 -15.49 -26.79 78.82
C LYS B 163 -15.84 -28.06 78.05
N ILE B 164 -16.54 -27.91 76.94
CA ILE B 164 -16.86 -29.02 76.04
C ILE B 164 -15.86 -29.01 74.91
N LYS B 165 -15.38 -30.19 74.54
CA LYS B 165 -14.36 -30.33 73.51
C LYS B 165 -14.96 -30.94 72.25
N VAL B 166 -14.63 -30.35 71.10
CA VAL B 166 -15.27 -30.66 69.82
C VAL B 166 -14.26 -31.34 68.92
N PHE B 167 -14.63 -32.52 68.40
CA PHE B 167 -13.82 -33.25 67.44
C PHE B 167 -14.57 -33.33 66.11
N CYS B 168 -13.82 -33.62 65.05
CA CYS B 168 -14.38 -33.80 63.71
C CYS B 168 -13.93 -35.15 63.17
N VAL B 169 -14.89 -36.03 62.91
CA VAL B 169 -14.62 -37.35 62.36
C VAL B 169 -15.28 -37.41 60.98
N SER B 170 -14.48 -37.71 59.96
CA SER B 170 -14.95 -37.67 58.58
C SER B 170 -14.33 -38.79 57.76
N ASP B 171 -15.14 -39.40 56.90
CA ASP B 171 -14.68 -40.40 55.94
C ASP B 171 -14.38 -39.68 54.63
N PHE B 172 -13.18 -39.16 54.51
CA PHE B 172 -12.79 -38.41 53.33
C PHE B 172 -11.36 -38.78 52.94
N TYR B 173 -10.99 -38.37 51.73
CA TYR B 173 -9.70 -38.75 51.18
C TYR B 173 -8.64 -37.67 51.33
N LEU B 174 -9.03 -36.41 51.44
CA LEU B 174 -8.04 -35.35 51.56
C LEU B 174 -7.30 -35.48 52.90
N PRO B 175 -6.02 -35.19 52.94
CA PRO B 175 -5.23 -35.36 54.17
C PRO B 175 -5.71 -34.44 55.28
N LYS B 176 -5.21 -34.73 56.48
CA LYS B 176 -5.58 -33.97 57.68
C LYS B 176 -5.23 -32.49 57.53
N ALA B 177 -4.03 -32.20 57.01
CA ALA B 177 -3.57 -30.83 56.88
C ALA B 177 -4.44 -30.05 55.89
N THR B 178 -4.86 -30.70 54.80
CA THR B 178 -5.75 -30.03 53.86
C THR B 178 -7.06 -29.62 54.52
N LEU B 179 -7.59 -30.47 55.41
CA LEU B 179 -8.83 -30.13 56.09
C LEU B 179 -8.62 -29.06 57.14
N TYR B 180 -7.41 -28.94 57.68
CA TYR B 180 -7.12 -27.85 58.61
C TYR B 180 -7.16 -26.50 57.89
N SER B 181 -6.63 -26.45 56.67
CA SER B 181 -6.61 -25.20 55.92
C SER B 181 -8.00 -24.82 55.43
N LEU B 182 -8.84 -25.79 55.10
CA LEU B 182 -10.22 -25.50 54.74
C LEU B 182 -10.96 -24.85 55.90
N PHE B 183 -10.92 -25.49 57.07
CA PHE B 183 -11.56 -24.93 58.25
C PHE B 183 -10.99 -23.56 58.59
N ASP B 184 -9.69 -23.37 58.37
CA ASP B 184 -9.08 -22.09 58.71
C ASP B 184 -9.43 -20.99 57.71
N TYR B 185 -9.77 -21.36 56.47
CA TYR B 185 -10.26 -20.37 55.52
C TYR B 185 -11.67 -19.92 55.87
N HIS B 186 -12.55 -20.87 56.22
CA HIS B 186 -13.91 -20.55 56.62
C HIS B 186 -13.97 -19.85 57.97
N GLY B 187 -12.88 -19.87 58.73
CA GLY B 187 -12.82 -19.19 60.02
C GLY B 187 -13.45 -19.94 61.17
N ILE B 188 -13.68 -21.24 61.03
CA ILE B 188 -14.30 -22.04 62.07
C ILE B 188 -13.31 -22.96 62.76
N LEU B 189 -12.04 -22.93 62.38
CA LEU B 189 -11.07 -23.86 62.95
C LEU B 189 -10.81 -23.59 64.43
N ARG B 190 -11.20 -22.42 64.93
CA ARG B 190 -10.98 -22.06 66.32
C ARG B 190 -12.11 -22.48 67.24
N TYR B 191 -13.14 -23.15 66.72
CA TYR B 191 -14.13 -23.83 67.53
C TYR B 191 -13.92 -25.34 67.55
N VAL B 192 -12.91 -25.84 66.84
CA VAL B 192 -12.61 -27.27 66.76
C VAL B 192 -11.31 -27.54 67.51
N ASP B 193 -11.25 -28.69 68.15
CA ASP B 193 -10.06 -29.08 68.92
C ASP B 193 -9.23 -30.17 68.28
N GLU B 194 -9.86 -31.08 67.53
CA GLU B 194 -9.15 -32.13 66.81
C GLU B 194 -9.87 -32.38 65.49
N ILE B 195 -9.11 -32.86 64.50
CA ILE B 195 -9.67 -33.30 63.23
C ILE B 195 -9.12 -34.69 62.95
N TYR B 196 -10.02 -35.65 62.75
CA TYR B 196 -9.65 -37.04 62.44
C TYR B 196 -10.26 -37.42 61.11
N VAL B 197 -9.40 -37.80 60.15
CA VAL B 197 -9.82 -38.13 58.80
C VAL B 197 -9.42 -39.57 58.51
N SER B 198 -10.34 -40.30 57.87
CA SER B 198 -10.08 -41.70 57.56
C SER B 198 -8.86 -41.90 56.66
N SER B 199 -8.41 -40.86 55.98
CA SER B 199 -7.34 -41.01 55.00
C SER B 199 -5.98 -41.19 55.67
N GLU B 200 -5.76 -40.50 56.80
CA GLU B 200 -4.44 -40.45 57.40
C GLU B 200 -3.99 -41.81 57.90
N ILE B 201 -4.93 -42.65 58.38
CA ILE B 201 -4.62 -43.96 58.92
C ILE B 201 -5.41 -45.09 58.28
N LEU B 202 -6.34 -44.79 57.37
CA LEU B 202 -7.08 -45.80 56.59
C LEU B 202 -7.98 -46.66 57.47
N LEU B 203 -8.47 -46.08 58.57
CA LEU B 203 -9.50 -46.70 59.41
C LEU B 203 -10.77 -45.90 59.22
N THR B 204 -11.83 -46.56 58.76
CA THR B 204 -13.03 -45.87 58.30
C THR B 204 -14.07 -45.76 59.41
N LYS B 205 -14.85 -44.68 59.33
CA LYS B 205 -15.98 -44.51 60.23
C LYS B 205 -17.07 -45.54 59.95
N LYS B 206 -17.20 -45.96 58.70
CA LYS B 206 -18.20 -46.97 58.34
C LYS B 206 -17.91 -48.31 59.00
N SER B 207 -16.64 -48.70 59.06
CA SER B 207 -16.26 -49.96 59.70
C SER B 207 -16.33 -49.89 61.22
N GLY B 208 -16.29 -48.68 61.80
CA GLY B 208 -16.24 -48.51 63.22
C GLY B 208 -14.84 -48.49 63.81
N ARG B 209 -13.85 -49.01 63.08
CA ARG B 209 -12.48 -49.04 63.60
C ARG B 209 -11.93 -47.65 63.83
N LEU B 210 -12.39 -46.66 63.05
CA LEU B 210 -11.95 -45.29 63.27
C LEU B 210 -12.38 -44.77 64.63
N PHE B 211 -13.61 -45.11 65.06
CA PHE B 211 -14.04 -44.77 66.41
C PHE B 211 -13.19 -45.50 67.44
N ASP B 212 -12.89 -46.78 67.20
CA ASP B 212 -12.05 -47.54 68.12
C ASP B 212 -10.72 -46.84 68.34
N PHE B 213 -10.12 -46.34 67.26
CA PHE B 213 -8.83 -45.67 67.35
C PHE B 213 -8.93 -44.37 68.16
N ILE B 214 -9.98 -43.59 67.92
CA ILE B 214 -10.10 -42.30 68.61
C ILE B 214 -10.38 -42.50 70.09
N LEU B 215 -11.36 -43.36 70.41
CA LEU B 215 -11.71 -43.58 71.81
C LEU B 215 -10.57 -44.25 72.57
N GLU B 216 -9.79 -45.10 71.91
CA GLU B 216 -8.69 -45.77 72.58
C GLU B 216 -7.54 -44.81 72.82
N LEU B 217 -7.12 -44.08 71.79
CA LEU B 217 -5.99 -43.17 71.92
C LEU B 217 -6.25 -42.09 72.97
N HIS B 218 -7.42 -41.45 72.89
CA HIS B 218 -7.74 -40.37 73.81
C HIS B 218 -8.32 -40.84 75.14
N LYS B 219 -8.55 -42.15 75.29
CA LYS B 219 -9.06 -42.74 76.52
C LYS B 219 -10.44 -42.18 76.89
N ILE B 220 -11.33 -42.16 75.91
CA ILE B 220 -12.65 -41.58 76.10
C ILE B 220 -13.64 -42.69 76.42
N ALA B 221 -14.49 -42.45 77.42
CA ALA B 221 -15.58 -43.38 77.70
C ALA B 221 -16.68 -43.17 76.67
N PRO B 222 -17.07 -44.20 75.89
CA PRO B 222 -18.07 -44.01 74.84
C PRO B 222 -19.31 -43.23 75.27
N SER B 223 -19.75 -43.41 76.51
CA SER B 223 -20.96 -42.76 77.00
C SER B 223 -20.81 -41.26 77.14
N ASN B 224 -19.62 -40.70 76.98
CA ASN B 224 -19.41 -39.27 77.10
C ASN B 224 -19.38 -38.55 75.76
N VAL B 225 -19.52 -39.28 74.65
CA VAL B 225 -19.38 -38.72 73.31
C VAL B 225 -20.76 -38.58 72.68
N LEU B 226 -20.99 -37.46 72.00
CA LEU B 226 -22.18 -37.24 71.19
C LEU B 226 -21.74 -37.08 69.75
N MET B 227 -22.20 -37.99 68.89
CA MET B 227 -21.89 -37.96 67.47
C MET B 227 -23.00 -37.26 66.69
N VAL B 228 -22.62 -36.40 65.76
CA VAL B 228 -23.57 -35.64 64.96
C VAL B 228 -23.16 -35.75 63.49
N GLY B 229 -24.07 -36.24 62.65
CA GLY B 229 -23.77 -36.35 61.24
C GLY B 229 -25.02 -36.58 60.42
N ASP B 230 -24.81 -36.80 59.12
CA ASP B 230 -25.90 -36.99 58.18
C ASP B 230 -26.04 -38.42 57.68
N ASN B 231 -24.98 -39.22 57.72
CA ASN B 231 -25.04 -40.60 57.25
C ASN B 231 -25.58 -41.48 58.36
N GLU B 232 -26.75 -42.09 58.12
CA GLU B 232 -27.41 -42.87 59.17
C GLU B 232 -26.59 -44.07 59.62
N ILE B 233 -25.66 -44.54 58.80
CA ILE B 233 -24.85 -45.70 59.13
C ILE B 233 -23.58 -45.29 59.86
N SER B 234 -22.80 -44.39 59.26
CA SER B 234 -21.51 -44.00 59.85
C SER B 234 -21.68 -43.02 61.00
N ASP B 235 -22.72 -42.19 60.97
CA ASP B 235 -22.90 -41.16 61.99
C ASP B 235 -23.94 -41.53 63.03
N TYR B 236 -24.63 -42.66 62.88
CA TYR B 236 -25.61 -43.07 63.88
C TYR B 236 -25.47 -44.54 64.24
N LYS B 237 -25.70 -45.43 63.26
CA LYS B 237 -25.74 -46.87 63.55
C LYS B 237 -24.42 -47.34 64.16
N VAL B 238 -23.30 -47.03 63.49
CA VAL B 238 -22.00 -47.43 64.01
C VAL B 238 -21.69 -46.77 65.36
N PRO B 239 -21.88 -45.46 65.55
CA PRO B 239 -21.62 -44.88 66.88
C PRO B 239 -22.49 -45.46 67.98
N ILE B 240 -23.80 -45.59 67.75
CA ILE B 240 -24.69 -46.17 68.76
C ILE B 240 -24.23 -47.57 69.12
N GLU B 241 -23.75 -48.33 68.12
CA GLU B 241 -23.21 -49.65 68.39
C GLU B 241 -21.99 -49.58 69.31
N LYS B 242 -21.11 -48.61 69.07
CA LYS B 242 -19.93 -48.40 69.91
C LYS B 242 -20.27 -47.87 71.31
N GLY B 243 -21.54 -47.80 71.69
CA GLY B 243 -21.94 -47.25 72.96
C GLY B 243 -21.98 -45.74 73.01
N MET B 244 -21.71 -45.07 71.90
CA MET B 244 -21.73 -43.62 71.86
C MET B 244 -23.16 -43.11 71.68
N LYS B 245 -23.38 -41.86 72.06
CA LYS B 245 -24.64 -41.18 71.83
C LYS B 245 -24.55 -40.45 70.49
N ALA B 246 -25.61 -40.56 69.68
CA ALA B 246 -25.57 -40.08 68.30
C ALA B 246 -26.79 -39.23 67.99
N TYR B 247 -26.65 -38.42 66.95
CA TYR B 247 -27.73 -37.55 66.49
C TYR B 247 -27.67 -37.46 64.98
N LEU B 248 -28.77 -37.82 64.31
CA LEU B 248 -28.84 -37.87 62.85
C LEU B 248 -29.58 -36.62 62.35
N ILE B 249 -28.86 -35.75 61.63
CA ILE B 249 -29.46 -34.58 61.01
C ILE B 249 -29.97 -34.98 59.63
N ASP B 250 -31.06 -34.36 59.20
CA ASP B 250 -31.69 -34.70 57.92
C ASP B 250 -31.16 -33.77 56.84
N ARG B 251 -30.55 -34.36 55.81
CA ARG B 251 -30.01 -33.61 54.68
C ARG B 251 -30.79 -33.84 53.40
N THR B 252 -32.07 -34.22 53.52
CA THR B 252 -32.87 -34.51 52.33
C THR B 252 -32.94 -33.30 51.39
N LYS B 253 -32.95 -32.10 51.96
CA LYS B 253 -33.02 -30.89 51.15
C LYS B 253 -31.69 -30.59 50.47
N GLN B 254 -30.58 -30.86 51.14
CA GLN B 254 -29.28 -30.62 50.53
C GLN B 254 -28.99 -31.65 49.44
N PHE B 255 -29.29 -32.92 49.72
CA PHE B 255 -29.06 -33.96 48.73
C PHE B 255 -30.06 -33.90 47.58
N ASN B 256 -31.18 -33.18 47.75
CA ASN B 256 -32.04 -32.91 46.61
C ASN B 256 -31.37 -31.93 45.64
N LYS B 257 -30.79 -30.85 46.16
CA LYS B 257 -30.05 -29.92 45.31
C LYS B 257 -28.87 -30.60 44.64
N TYR B 258 -28.25 -31.57 45.31
CA TYR B 258 -27.18 -32.34 44.67
C TYR B 258 -27.73 -33.21 43.55
N ALA B 259 -28.97 -33.68 43.67
CA ALA B 259 -29.55 -34.55 42.64
C ALA B 259 -29.82 -33.78 41.36
N GLU B 260 -30.41 -32.58 41.45
CA GLU B 260 -30.69 -31.81 40.25
C GLU B 260 -29.45 -31.12 39.69
N HIS B 261 -28.42 -30.91 40.51
CA HIS B 261 -27.16 -30.38 39.97
C HIS B 261 -26.41 -31.47 39.20
N GLU B 262 -26.46 -32.71 39.69
CA GLU B 262 -25.93 -33.83 38.92
C GLU B 262 -26.80 -34.12 37.70
N ARG B 263 -28.06 -33.65 37.71
CA ARG B 263 -28.91 -33.79 36.54
C ARG B 263 -28.41 -32.94 35.38
N ILE B 264 -27.71 -31.85 35.67
CA ILE B 264 -27.36 -30.86 34.66
C ILE B 264 -25.90 -30.92 34.27
N HIS B 265 -25.00 -31.03 35.26
CA HIS B 265 -23.56 -30.90 35.05
C HIS B 265 -22.90 -32.27 35.10
N LYS B 266 -22.50 -32.77 33.93
CA LYS B 266 -21.74 -34.01 33.84
C LYS B 266 -20.29 -33.69 33.48
N ILE B 267 -19.51 -34.74 33.25
CA ILE B 267 -18.06 -34.56 33.07
C ILE B 267 -17.78 -33.81 31.78
N ASN B 268 -18.57 -34.05 30.73
CA ASN B 268 -18.29 -33.47 29.42
C ASN B 268 -19.34 -32.48 28.95
N THR B 269 -20.50 -32.40 29.60
CA THR B 269 -21.63 -31.64 29.08
C THR B 269 -22.31 -30.89 30.20
N ILE B 270 -23.17 -29.95 29.80
CA ILE B 270 -24.10 -29.25 30.68
C ILE B 270 -25.42 -29.19 29.92
N VAL B 271 -26.42 -29.95 30.39
CA VAL B 271 -27.68 -30.00 29.67
C VAL B 271 -28.33 -28.62 29.69
N GLY B 272 -28.93 -28.26 28.55
CA GLY B 272 -29.60 -26.97 28.45
C GLY B 272 -28.69 -25.77 28.39
N ILE B 273 -27.40 -25.95 28.12
CA ILE B 273 -26.49 -24.81 28.09
C ILE B 273 -26.80 -23.89 26.91
N GLU B 274 -27.30 -24.43 25.81
CA GLU B 274 -27.60 -23.59 24.65
C GLU B 274 -28.75 -22.63 24.95
N SER B 275 -29.90 -23.18 25.34
CA SER B 275 -31.05 -22.33 25.64
C SER B 275 -30.74 -21.35 26.75
N GLN B 276 -29.92 -21.75 27.72
CA GLN B 276 -29.58 -20.86 28.82
C GLN B 276 -28.78 -19.66 28.31
N LEU B 277 -27.77 -19.90 27.47
CA LEU B 277 -26.97 -18.81 26.93
C LEU B 277 -27.79 -17.94 25.98
N ILE B 278 -28.60 -18.56 25.12
CA ILE B 278 -29.44 -17.79 24.21
C ILE B 278 -30.47 -16.98 24.98
N LYS B 279 -31.03 -17.56 26.05
CA LYS B 279 -32.00 -16.84 26.87
C LYS B 279 -31.39 -15.56 27.43
N MET B 280 -30.19 -15.65 28.01
CA MET B 280 -29.54 -14.46 28.54
C MET B 280 -29.29 -13.44 27.44
N ALA B 281 -28.89 -13.90 26.25
CA ALA B 281 -28.60 -12.99 25.15
C ALA B 281 -29.84 -12.22 24.72
N ASN B 282 -31.00 -12.89 24.70
CA ASN B 282 -32.24 -12.20 24.34
C ASN B 282 -32.61 -11.14 25.36
N ASP B 283 -32.19 -11.32 26.62
CA ASP B 283 -32.48 -10.36 27.67
C ASP B 283 -31.41 -9.26 27.79
N PHE B 284 -30.17 -9.54 27.38
CA PHE B 284 -29.10 -8.57 27.50
C PHE B 284 -28.98 -7.66 26.29
N ARG B 285 -29.83 -7.83 25.27
CA ARG B 285 -29.60 -7.18 23.99
C ARG B 285 -29.79 -5.67 24.08
N LYS B 286 -30.80 -5.21 24.79
CA LYS B 286 -31.15 -3.80 24.82
C LYS B 286 -30.45 -3.02 25.93
N ILE B 287 -29.63 -3.68 26.75
CA ILE B 287 -28.93 -3.01 27.85
C ILE B 287 -28.15 -1.83 27.30
N THR B 288 -27.16 -2.09 26.47
CA THR B 288 -26.44 -1.08 25.71
C THR B 288 -26.39 -1.52 24.25
N PRO B 289 -26.17 -0.59 23.33
CA PRO B 289 -26.03 -0.99 21.92
C PRO B 289 -24.87 -1.97 21.74
N PHE B 290 -25.15 -3.06 21.04
CA PHE B 290 -24.18 -4.16 20.85
C PHE B 290 -23.69 -4.71 22.19
N HIS B 291 -24.56 -4.73 23.19
CA HIS B 291 -24.20 -5.26 24.51
C HIS B 291 -23.74 -6.71 24.42
N ASN B 292 -24.40 -7.51 23.59
CA ASN B 292 -24.14 -8.95 23.48
C ASN B 292 -22.75 -9.27 22.96
N ILE B 293 -21.92 -8.28 22.67
CA ILE B 293 -20.54 -8.50 22.24
C ILE B 293 -19.80 -9.22 23.37
N ILE B 294 -20.31 -9.08 24.60
CA ILE B 294 -19.61 -9.58 25.77
C ILE B 294 -19.56 -11.10 25.78
N PHE B 295 -20.51 -11.76 25.10
CA PHE B 295 -20.46 -13.22 25.03
C PHE B 295 -19.20 -13.69 24.33
N SER B 296 -18.84 -13.05 23.21
CA SER B 296 -17.62 -13.41 22.50
C SER B 296 -16.38 -13.01 23.30
N LEU B 297 -16.47 -11.96 24.10
CA LEU B 297 -15.36 -11.60 24.97
C LEU B 297 -15.15 -12.63 26.07
N PHE B 298 -16.22 -13.26 26.55
CA PHE B 298 -16.06 -14.31 27.56
C PHE B 298 -15.37 -15.52 26.97
N TYR B 299 -15.76 -15.93 25.76
CA TYR B 299 -15.06 -17.02 25.09
C TYR B 299 -13.58 -16.69 24.93
N PHE B 300 -13.28 -15.44 24.55
CA PHE B 300 -11.90 -15.03 24.42
C PHE B 300 -11.15 -15.13 25.75
N ILE B 301 -11.71 -14.54 26.81
CA ILE B 301 -11.04 -14.52 28.11
C ILE B 301 -10.83 -15.94 28.64
N LYS B 302 -11.85 -16.79 28.53
CA LYS B 302 -11.75 -18.14 29.07
C LYS B 302 -10.73 -18.97 28.30
N LYS B 303 -10.74 -18.89 26.96
CA LYS B 303 -9.82 -19.68 26.16
C LYS B 303 -8.39 -19.13 26.25
N LEU B 304 -8.26 -17.80 26.33
CA LEU B 304 -6.94 -17.21 26.51
C LEU B 304 -6.27 -17.72 27.78
N HIS B 305 -7.05 -17.83 28.87
CA HIS B 305 -6.49 -18.30 30.13
C HIS B 305 -6.01 -19.74 30.01
N GLU B 306 -6.80 -20.60 29.35
CA GLU B 306 -6.38 -21.98 29.13
C GLU B 306 -5.08 -22.04 28.34
N THR B 307 -4.90 -21.10 27.41
CA THR B 307 -3.68 -21.08 26.61
C THR B 307 -2.49 -20.53 27.39
N LEU B 308 -2.70 -19.45 28.16
CA LEU B 308 -1.61 -18.88 28.94
C LEU B 308 -1.13 -19.86 30.01
N VAL B 309 -2.06 -20.50 30.71
CA VAL B 309 -1.69 -21.49 31.73
C VAL B 309 -0.98 -22.68 31.09
N ASN B 310 -1.40 -23.06 29.89
CA ASN B 310 -0.81 -24.22 29.24
C ASN B 310 0.64 -23.96 28.86
N ARG B 311 0.95 -22.75 28.43
CA ARG B 311 2.32 -22.38 28.11
C ARG B 311 3.15 -22.02 29.33
N GLY B 312 2.63 -22.24 30.54
CA GLY B 312 3.36 -21.87 31.74
C GLY B 312 3.62 -20.39 31.87
N VAL B 313 2.73 -19.56 31.32
CA VAL B 313 2.92 -18.11 31.33
C VAL B 313 2.48 -17.56 32.67
N LYS B 314 3.42 -16.93 33.38
CA LYS B 314 3.13 -16.36 34.69
C LYS B 314 2.89 -14.85 34.65
N ASP B 315 3.48 -14.14 33.68
CA ASP B 315 3.27 -12.72 33.49
C ASP B 315 2.75 -12.48 32.07
N VAL B 316 1.75 -11.62 31.96
CA VAL B 316 1.18 -11.28 30.66
C VAL B 316 0.90 -9.78 30.63
N PHE B 317 1.13 -9.17 29.47
CA PHE B 317 0.96 -7.74 29.29
C PHE B 317 -0.27 -7.46 28.45
N PHE B 318 -1.06 -6.47 28.86
CA PHE B 318 -2.19 -5.98 28.09
C PHE B 318 -1.82 -4.62 27.52
N LEU B 319 -1.86 -4.49 26.20
CA LEU B 319 -1.41 -3.27 25.55
C LEU B 319 -2.47 -2.18 25.62
N SER B 320 -2.04 -0.98 25.96
CA SER B 320 -2.89 0.19 25.78
C SER B 320 -3.19 0.38 24.29
N ARG B 321 -4.39 0.84 23.99
CA ARG B 321 -5.37 1.22 25.00
C ARG B 321 -6.58 0.30 24.97
N GLU B 322 -6.77 -0.40 23.84
CA GLU B 322 -7.85 -1.38 23.75
C GLU B 322 -7.71 -2.52 24.75
N GLY B 323 -6.49 -2.75 25.26
CA GLY B 323 -6.28 -3.83 26.20
C GLY B 323 -6.61 -3.52 27.64
N GLU B 324 -6.96 -2.28 27.96
CA GLU B 324 -7.31 -1.96 29.34
C GLU B 324 -8.57 -2.70 29.76
N TYR B 325 -9.60 -2.69 28.92
CA TYR B 325 -10.83 -3.39 29.27
C TYR B 325 -10.65 -4.89 29.21
N LEU B 326 -9.71 -5.38 28.39
CA LEU B 326 -9.41 -6.80 28.36
C LEU B 326 -8.75 -7.25 29.67
N LYS B 327 -7.81 -6.46 30.18
CA LYS B 327 -7.19 -6.76 31.47
C LYS B 327 -8.23 -6.76 32.58
N LYS B 328 -9.18 -5.82 32.53
CA LYS B 328 -10.25 -5.77 33.52
C LYS B 328 -11.03 -7.08 33.56
N LEU B 329 -11.42 -7.57 32.38
CA LEU B 329 -12.21 -8.80 32.34
C LEU B 329 -11.36 -10.01 32.71
N PHE B 330 -10.10 -10.02 32.31
CA PHE B 330 -9.24 -11.17 32.62
C PHE B 330 -8.97 -11.26 34.11
N ASP B 331 -8.74 -10.14 34.79
CA ASP B 331 -8.59 -10.15 36.23
C ASP B 331 -9.87 -10.61 36.91
N ILE B 332 -11.02 -10.12 36.43
CA ILE B 332 -12.30 -10.54 36.99
C ILE B 332 -12.49 -12.04 36.82
N TYR B 333 -12.14 -12.57 35.64
CA TYR B 333 -12.38 -13.98 35.37
C TYR B 333 -11.60 -14.88 36.32
N GLN B 334 -10.35 -14.52 36.62
CA GLN B 334 -9.56 -15.32 37.55
C GLN B 334 -10.16 -15.33 38.94
N GLY B 335 -10.80 -14.22 39.35
CA GLY B 335 -11.43 -14.19 40.65
C GLY B 335 -12.71 -15.00 40.70
N GLN B 336 -13.57 -14.84 39.70
CA GLN B 336 -14.80 -15.61 39.63
C GLN B 336 -14.55 -17.09 39.47
N GLU B 337 -13.36 -17.48 39.01
CA GLU B 337 -13.06 -18.90 38.80
C GLU B 337 -12.55 -19.58 40.07
N GLY B 338 -12.02 -18.81 41.01
CA GLY B 338 -11.49 -19.37 42.24
C GLY B 338 -10.00 -19.65 42.21
N PHE B 339 -9.25 -19.05 41.29
CA PHE B 339 -7.81 -19.22 41.24
C PHE B 339 -7.16 -18.46 42.39
N ARG B 340 -6.42 -19.17 43.23
CA ARG B 340 -5.87 -18.57 44.44
C ARG B 340 -4.40 -18.94 44.60
N ASN B 341 -4.08 -20.23 44.54
CA ASN B 341 -2.72 -20.69 44.79
C ASN B 341 -2.05 -21.34 43.59
N ILE B 342 -2.78 -21.61 42.51
CA ILE B 342 -2.22 -22.20 41.29
C ILE B 342 -3.08 -21.75 40.13
N GLN B 343 -2.49 -21.78 38.93
CA GLN B 343 -3.15 -21.36 37.69
C GLN B 343 -3.58 -19.90 37.76
N THR B 344 -2.84 -19.09 38.51
CA THR B 344 -3.09 -17.66 38.61
C THR B 344 -1.98 -16.93 37.87
N ILE B 345 -2.36 -15.95 37.05
CA ILE B 345 -1.42 -15.25 36.16
C ILE B 345 -1.35 -13.80 36.61
N ASN B 346 -0.14 -13.24 36.57
CA ASN B 346 0.04 -11.82 36.83
C ASN B 346 -0.22 -11.03 35.56
N THR B 347 -1.07 -10.01 35.65
CA THR B 347 -1.42 -9.18 34.51
C THR B 347 -0.86 -7.78 34.70
N HIS B 348 -0.31 -7.23 33.62
CA HIS B 348 0.25 -5.89 33.64
C HIS B 348 -0.32 -5.08 32.48
N TYR B 349 -0.16 -3.77 32.57
CA TYR B 349 -0.67 -2.83 31.56
C TYR B 349 0.53 -2.12 30.94
N LEU B 350 0.83 -2.47 29.69
CA LEU B 350 1.97 -1.92 28.99
C LEU B 350 1.53 -0.74 28.13
N LEU B 351 2.06 0.45 28.44
CA LEU B 351 1.70 1.67 27.73
C LEU B 351 2.47 1.71 26.41
N VAL B 352 1.82 1.33 25.32
CA VAL B 352 2.42 1.31 23.99
C VAL B 352 1.44 1.92 23.00
N SER B 353 1.93 2.15 21.79
CA SER B 353 1.15 2.62 20.67
C SER B 353 1.97 2.42 19.41
N ARG B 354 1.27 2.34 18.27
CA ARG B 354 1.96 2.24 16.99
C ARG B 354 3.01 3.35 16.84
N LYS B 355 2.63 4.58 17.21
CA LYS B 355 3.53 5.72 17.06
C LYS B 355 4.72 5.61 18.01
N ALA B 356 4.47 5.16 19.25
CA ALA B 356 5.51 5.13 20.26
C ALA B 356 6.49 3.98 20.04
N THR B 357 6.04 2.89 19.42
CA THR B 357 6.85 1.68 19.30
C THR B 357 7.56 1.56 17.96
N TYR B 358 7.26 2.41 16.98
CA TYR B 358 7.80 2.21 15.64
C TYR B 358 9.22 2.76 15.52
N LEU B 359 9.42 4.01 15.92
CA LEU B 359 10.73 4.65 15.78
C LEU B 359 11.87 3.87 16.41
N PRO B 360 11.81 3.41 17.68
CA PRO B 360 12.96 2.72 18.27
C PRO B 360 13.28 1.37 17.64
N SER B 361 12.39 0.83 16.80
CA SER B 361 12.61 -0.46 16.16
C SER B 361 13.25 -0.34 14.79
N LEU B 362 13.42 0.87 14.27
CA LEU B 362 13.91 1.05 12.91
C LEU B 362 15.40 0.73 12.83
N LYS B 363 15.81 0.27 11.64
CA LYS B 363 17.17 -0.18 11.38
C LYS B 363 18.07 1.04 11.19
N PRO B 364 19.35 0.82 10.86
CA PRO B 364 20.17 1.91 10.33
C PRO B 364 19.48 2.61 9.17
N ILE B 365 19.60 3.94 9.14
CA ILE B 365 19.00 4.71 8.05
C ILE B 365 19.55 4.24 6.71
N GLU B 366 20.77 3.71 6.71
CA GLU B 366 21.35 3.10 5.52
C GLU B 366 20.60 1.84 5.10
N SER B 367 19.88 1.21 6.01
CA SER B 367 19.13 -0.01 5.71
C SER B 367 17.64 0.13 5.90
N GLU B 368 17.17 1.18 6.57
CA GLU B 368 15.74 1.33 6.86
C GLU B 368 15.02 1.84 5.61
N THR B 369 14.00 1.10 5.18
CA THR B 369 13.18 1.48 4.04
C THR B 369 11.80 1.96 4.42
N PHE B 370 11.41 1.85 5.69
CA PHE B 370 10.10 2.28 6.18
C PHE B 370 8.96 1.55 5.47
N ASN B 371 9.17 0.28 5.12
CA ASN B 371 8.18 -0.46 4.33
C ASN B 371 6.89 -0.68 5.12
N ILE B 372 7.01 -0.95 6.42
CA ILE B 372 5.82 -1.19 7.25
C ILE B 372 4.92 0.04 7.25
N LEU B 373 5.51 1.23 7.14
CA LEU B 373 4.71 2.46 7.08
C LEU B 373 4.06 2.63 5.71
N PHE B 374 4.79 2.37 4.63
CA PHE B 374 4.28 2.53 3.27
C PHE B 374 3.39 1.36 2.84
N ARG B 375 3.00 0.49 3.77
CA ARG B 375 2.11 -0.61 3.43
C ARG B 375 0.70 -0.11 3.15
N GLN B 376 0.20 0.80 3.99
CA GLN B 376 -1.15 1.32 3.83
C GLN B 376 -1.20 2.84 3.94
N TYR B 377 -0.07 3.53 3.93
CA TYR B 377 -0.01 4.99 4.04
C TYR B 377 0.92 5.49 2.94
N ARG B 378 0.38 5.67 1.75
CA ARG B 378 1.11 6.20 0.61
C ARG B 378 0.83 7.68 0.38
N LYS B 379 -0.42 8.08 0.51
CA LYS B 379 -0.86 9.47 0.33
C LYS B 379 -0.78 10.15 1.68
N ILE B 380 0.41 10.68 2.00
CA ILE B 380 0.67 11.27 3.30
C ILE B 380 1.41 12.59 3.10
N SER B 381 1.50 13.36 4.18
CA SER B 381 2.30 14.57 4.22
C SER B 381 3.61 14.29 4.95
N ALA B 382 4.54 15.24 4.82
CA ALA B 382 5.76 15.15 5.62
C ALA B 382 5.45 15.21 7.10
N TYR B 383 4.42 15.97 7.49
CA TYR B 383 3.98 15.97 8.87
C TYR B 383 3.51 14.58 9.30
N ASP B 384 2.84 13.86 8.39
CA ASP B 384 2.39 12.51 8.70
C ASP B 384 3.56 11.53 8.72
N PHE B 385 4.52 11.71 7.81
CA PHE B 385 5.70 10.84 7.84
C PHE B 385 6.53 11.09 9.09
N LEU B 386 6.85 12.36 9.36
CA LEU B 386 7.68 12.70 10.52
C LEU B 386 6.99 12.44 11.85
N SER B 387 5.67 12.27 11.86
CA SER B 387 4.97 11.92 13.08
C SER B 387 4.86 10.40 13.28
N SER B 388 4.73 9.64 12.19
CA SER B 388 4.70 8.19 12.32
C SER B 388 6.02 7.64 12.85
N ILE B 389 7.12 8.34 12.59
CA ILE B 389 8.43 7.92 13.09
C ILE B 389 8.75 8.74 14.33
N ASN B 390 7.77 9.53 14.77
CA ASN B 390 7.77 10.19 16.08
C ASN B 390 8.96 11.14 16.23
N PHE B 391 9.00 12.13 15.36
CA PHE B 391 9.94 13.24 15.52
C PHE B 391 9.28 14.35 16.34
N THR B 392 10.13 15.21 16.90
CA THR B 392 9.63 16.36 17.65
C THR B 392 9.10 17.43 16.69
N SER B 393 8.23 18.30 17.23
CA SER B 393 7.82 19.47 16.46
C SER B 393 9.01 20.36 16.13
N ASP B 394 10.07 20.30 16.95
CA ASP B 394 11.31 21.00 16.64
C ASP B 394 11.91 20.48 15.34
N ALA B 395 12.11 19.16 15.26
CA ALA B 395 12.67 18.57 14.04
C ALA B 395 11.78 18.85 12.83
N MET B 396 10.46 18.81 13.01
CA MET B 396 9.55 19.14 11.91
C MET B 396 9.70 20.60 11.51
N ASN B 397 9.67 21.51 12.49
CA ASN B 397 9.80 22.94 12.23
C ASN B 397 11.25 23.37 12.00
N LEU B 398 12.19 22.44 11.95
CA LEU B 398 13.54 22.68 11.47
C LEU B 398 13.80 22.02 10.12
N LEU B 399 13.46 20.74 9.97
CA LEU B 399 13.68 20.07 8.69
C LEU B 399 12.84 20.70 7.58
N SER B 400 11.64 21.19 7.91
CA SER B 400 10.84 21.87 6.90
C SER B 400 11.40 23.25 6.58
N THR B 401 11.99 23.92 7.56
CA THR B 401 12.65 25.20 7.29
C THR B 401 14.00 25.00 6.62
N GLU B 402 14.80 24.06 7.12
CA GLU B 402 16.16 23.87 6.64
C GLU B 402 16.20 23.36 5.21
N LEU B 403 15.17 22.63 4.78
CA LEU B 403 15.15 21.99 3.47
C LEU B 403 14.24 22.70 2.48
N ALA B 404 13.53 23.75 2.91
CA ALA B 404 12.68 24.56 2.03
C ALA B 404 11.58 23.71 1.39
N PHE B 405 10.79 23.06 2.25
CA PHE B 405 9.58 22.38 1.82
C PHE B 405 8.51 22.62 2.87
N ASP B 406 7.30 22.16 2.58
CA ASP B 406 6.15 22.33 3.46
C ASP B 406 5.81 20.98 4.09
N LEU B 407 5.94 20.88 5.41
CA LEU B 407 5.62 19.64 6.09
C LEU B 407 4.13 19.34 6.07
N GLN B 408 3.28 20.36 5.91
CA GLN B 408 1.84 20.11 5.88
C GLN B 408 1.36 19.66 4.50
N ARG B 409 2.12 19.93 3.45
CA ARG B 409 1.70 19.61 2.09
C ARG B 409 1.50 18.11 1.93
N VAL B 410 0.28 17.71 1.55
CA VAL B 410 0.03 16.31 1.23
C VAL B 410 0.79 15.95 -0.04
N GLU B 411 1.24 14.70 -0.12
CA GLU B 411 1.88 14.17 -1.31
C GLU B 411 1.12 12.95 -1.79
N ASP B 412 1.01 12.82 -3.11
CA ASP B 412 0.25 11.70 -3.68
C ASP B 412 1.01 10.40 -3.53
N ASP B 413 2.33 10.42 -3.77
CA ASP B 413 3.18 9.24 -3.61
C ASP B 413 4.43 9.70 -2.87
N PHE B 414 4.36 9.64 -1.53
CA PHE B 414 5.44 10.18 -0.71
C PHE B 414 6.78 9.47 -0.91
N PRO B 415 6.86 8.13 -1.02
CA PRO B 415 8.18 7.50 -1.19
C PRO B 415 8.96 7.97 -2.41
N THR B 416 8.28 8.43 -3.45
CA THR B 416 8.94 8.97 -4.64
C THR B 416 8.95 10.49 -4.66
N SER B 417 8.45 11.13 -3.61
CA SER B 417 8.39 12.58 -3.57
C SER B 417 9.79 13.20 -3.42
N SER B 418 9.91 14.45 -3.87
CA SER B 418 11.15 15.18 -3.66
C SER B 418 11.40 15.42 -2.18
N THR B 419 10.33 15.74 -1.43
CA THR B 419 10.49 16.02 -0.01
C THR B 419 11.01 14.82 0.76
N PHE B 420 10.67 13.60 0.33
CA PHE B 420 11.24 12.42 0.96
C PHE B 420 12.70 12.24 0.57
N GLN B 421 13.00 12.37 -0.72
CA GLN B 421 14.39 12.27 -1.17
C GLN B 421 15.25 13.34 -0.50
N LYS B 422 14.67 14.52 -0.26
CA LYS B 422 15.40 15.59 0.41
C LYS B 422 15.63 15.25 1.89
N LEU B 423 14.62 14.68 2.55
CA LEU B 423 14.75 14.34 3.96
C LEU B 423 15.82 13.27 4.17
N MET B 424 15.82 12.22 3.34
CA MET B 424 16.79 11.15 3.49
C MET B 424 18.22 11.63 3.26
N LYS B 425 18.40 12.58 2.34
CA LYS B 425 19.72 13.12 2.05
C LYS B 425 20.12 14.25 3.00
N SER B 426 19.20 14.71 3.84
CA SER B 426 19.51 15.77 4.80
C SER B 426 20.29 15.20 5.98
N ASP B 427 21.47 15.75 6.26
CA ASP B 427 22.26 15.29 7.38
C ASP B 427 21.68 15.74 8.72
N THR B 428 20.80 16.74 8.71
CA THR B 428 20.11 17.12 9.94
C THR B 428 19.06 16.09 10.30
N PHE B 429 18.22 15.70 9.33
CA PHE B 429 17.32 14.57 9.51
C PHE B 429 18.10 13.32 9.90
N ARG B 430 19.17 13.03 9.15
CA ARG B 430 19.93 11.80 9.33
C ARG B 430 20.53 11.68 10.73
N ASN B 431 20.97 12.79 11.31
CA ASN B 431 21.57 12.76 12.64
C ASN B 431 20.55 12.99 13.76
N ILE B 432 19.33 13.41 13.43
CA ILE B 432 18.25 13.35 14.41
C ILE B 432 17.63 11.96 14.41
N TYR B 433 17.59 11.31 13.24
CA TYR B 433 17.02 9.96 13.14
C TYR B 433 17.81 8.97 13.99
N GLU B 434 19.13 8.89 13.76
CA GLU B 434 19.96 7.96 14.51
C GLU B 434 19.93 8.24 16.01
N ARG B 435 19.73 9.51 16.39
CA ARG B 435 19.75 9.88 17.80
C ARG B 435 18.45 9.50 18.50
N GLU B 436 17.32 9.95 17.96
CA GLU B 436 16.04 9.75 18.64
C GLU B 436 15.62 8.29 18.62
N ARG B 437 16.06 7.51 17.64
CA ARG B 437 15.67 6.10 17.59
C ARG B 437 16.51 5.24 18.54
N ASN B 438 17.68 5.70 18.95
CA ASN B 438 18.51 4.98 19.90
C ASN B 438 18.26 5.39 21.34
N GLU B 439 17.69 6.58 21.57
CA GLU B 439 17.31 6.94 22.93
C GLU B 439 15.92 6.41 23.27
N GLN B 440 15.01 6.38 22.30
CA GLN B 440 13.71 5.74 22.52
C GLN B 440 13.88 4.23 22.70
N ASN B 441 14.78 3.62 21.94
CA ASN B 441 15.06 2.20 22.11
C ASN B 441 15.57 1.90 23.52
N ARG B 442 16.46 2.76 24.03
CA ARG B 442 16.99 2.57 25.37
C ARG B 442 15.98 2.98 26.45
N LEU B 443 15.10 3.93 26.13
CA LEU B 443 14.12 4.38 27.11
C LEU B 443 12.97 3.39 27.26
N PHE B 444 12.50 2.82 26.15
CA PHE B 444 11.42 1.84 26.24
C PHE B 444 11.87 0.60 26.99
N LYS B 445 13.08 0.11 26.70
CA LYS B 445 13.58 -1.06 27.40
C LYS B 445 13.77 -0.79 28.89
N LYS B 446 14.30 0.39 29.23
CA LYS B 446 14.41 0.78 30.63
C LYS B 446 13.04 0.94 31.28
N TYR B 447 11.98 1.10 30.48
CA TYR B 447 10.62 1.14 30.98
C TYR B 447 10.01 -0.24 31.12
N VAL B 448 10.45 -1.20 30.30
CA VAL B 448 9.96 -2.58 30.45
C VAL B 448 10.58 -3.25 31.68
N ASP B 449 11.80 -2.86 32.06
CA ASP B 449 12.42 -3.43 33.26
C ASP B 449 11.70 -3.02 34.53
N GLN B 450 10.94 -1.93 34.51
CA GLN B 450 10.18 -1.50 35.68
C GLN B 450 9.01 -2.42 36.02
N PHE B 451 8.83 -3.51 35.28
CA PHE B 451 7.65 -4.36 35.45
C PHE B 451 7.93 -5.67 36.18
N ASN B 452 9.18 -5.97 36.51
CA ASN B 452 9.55 -7.17 37.26
C ASN B 452 9.09 -8.43 36.52
N VAL B 453 9.56 -8.56 35.27
CA VAL B 453 9.26 -9.72 34.44
C VAL B 453 10.54 -10.16 33.76
N ASP B 454 10.83 -11.46 33.83
CA ASP B 454 12.03 -12.02 33.21
C ASP B 454 11.70 -12.37 31.77
N LEU B 455 12.32 -11.66 30.83
CA LEU B 455 12.11 -11.90 29.41
C LEU B 455 12.85 -13.14 28.90
N THR B 456 13.45 -13.93 29.81
CA THR B 456 14.11 -15.16 29.40
C THR B 456 13.13 -16.10 28.71
N ASN B 457 12.09 -16.51 29.41
CA ASN B 457 11.12 -17.47 28.90
C ASN B 457 10.11 -16.85 27.93
N GLY B 458 10.31 -15.60 27.52
CA GLY B 458 9.46 -14.99 26.52
C GLY B 458 8.65 -13.80 27.01
N MET B 459 8.30 -12.92 26.07
CA MET B 459 7.42 -11.79 26.33
C MET B 459 6.05 -12.13 25.79
N HIS B 460 5.06 -12.24 26.68
CA HIS B 460 3.71 -12.67 26.33
C HIS B 460 2.76 -11.48 26.40
N ILE B 461 2.06 -11.22 25.30
CA ILE B 461 1.32 -9.98 25.08
C ILE B 461 -0.09 -10.30 24.58
N VAL B 462 -1.06 -9.50 25.01
CA VAL B 462 -2.47 -9.67 24.64
C VAL B 462 -3.00 -8.35 24.10
N ASP B 463 -3.71 -8.42 22.98
CA ASP B 463 -4.35 -7.25 22.37
C ASP B 463 -5.50 -7.73 21.50
N VAL B 464 -6.25 -6.79 20.93
CA VAL B 464 -7.27 -7.12 19.96
C VAL B 464 -6.57 -7.41 18.63
N GLY B 465 -5.94 -6.39 18.04
CA GLY B 465 -4.89 -6.60 17.05
C GLY B 465 -5.26 -6.57 15.59
N TRP B 466 -5.84 -7.67 15.10
CA TRP B 466 -6.08 -8.00 13.69
C TRP B 466 -4.79 -8.46 13.01
N LYS B 467 -3.69 -7.73 13.21
CA LYS B 467 -2.41 -8.08 12.60
C LYS B 467 -1.25 -8.16 13.58
N GLY B 468 -1.37 -7.56 14.77
CA GLY B 468 -0.26 -7.51 15.70
C GLY B 468 0.88 -6.64 15.21
N THR B 469 0.60 -5.38 14.92
CA THR B 469 1.63 -4.46 14.43
C THR B 469 2.60 -4.09 15.54
N ILE B 470 2.08 -3.69 16.70
CA ILE B 470 2.95 -3.26 17.81
C ILE B 470 3.85 -4.40 18.25
N GLN B 471 3.34 -5.64 18.21
CA GLN B 471 4.17 -6.79 18.56
C GLN B 471 5.40 -6.86 17.66
N ASP B 472 5.23 -6.62 16.37
CA ASP B 472 6.37 -6.71 15.44
C ASP B 472 7.45 -5.69 15.81
N ASN B 473 7.04 -4.48 16.20
CA ASN B 473 8.01 -3.47 16.62
C ASN B 473 8.69 -3.89 17.92
N LEU B 474 7.93 -4.47 18.85
CA LEU B 474 8.53 -4.95 20.10
C LEU B 474 9.62 -5.98 19.83
N PHE B 475 9.38 -6.89 18.89
CA PHE B 475 10.39 -7.89 18.55
C PHE B 475 11.62 -7.24 17.94
N ASN B 476 11.41 -6.25 17.06
CA ASN B 476 12.54 -5.55 16.45
C ASN B 476 13.30 -4.69 17.45
N ILE B 477 12.61 -4.16 18.46
CA ILE B 477 13.27 -3.33 19.46
C ILE B 477 14.35 -4.12 20.18
N TYR B 478 14.05 -5.38 20.51
CA TYR B 478 15.02 -6.27 21.14
C TYR B 478 15.90 -7.00 20.14
N ASN B 479 15.70 -6.78 18.83
CA ASN B 479 16.56 -7.29 17.77
C ASN B 479 16.75 -8.80 17.88
N GLY B 480 15.62 -9.52 17.89
CA GLY B 480 15.63 -10.96 17.83
C GLY B 480 16.11 -11.68 19.07
N GLU B 481 16.57 -10.95 20.09
CA GLU B 481 17.10 -11.55 21.30
C GLU B 481 16.04 -11.83 22.35
N VAL B 482 14.79 -11.44 22.10
CA VAL B 482 13.67 -11.70 23.01
C VAL B 482 12.55 -12.35 22.21
N SER B 483 12.13 -13.54 22.63
CA SER B 483 11.00 -14.20 21.98
C SER B 483 9.70 -13.54 22.41
N VAL B 484 8.86 -13.21 21.44
CA VAL B 484 7.64 -12.47 21.68
C VAL B 484 6.46 -13.33 21.24
N PHE B 485 5.53 -13.56 22.16
CA PHE B 485 4.33 -14.36 21.90
C PHE B 485 3.11 -13.46 22.00
N GLY B 486 2.28 -13.49 20.97
CA GLY B 486 1.09 -12.65 20.89
C GLY B 486 -0.18 -13.49 20.96
N TYR B 487 -1.16 -12.99 21.71
CA TYR B 487 -2.47 -13.63 21.83
C TYR B 487 -3.53 -12.59 21.54
N TYR B 488 -4.26 -12.77 20.45
CA TYR B 488 -5.16 -11.74 19.94
C TYR B 488 -6.59 -12.27 19.89
N LEU B 489 -7.54 -11.35 20.00
CA LEU B 489 -8.94 -11.70 19.78
C LEU B 489 -9.14 -12.23 18.37
N GLY B 490 -8.57 -11.52 17.39
CA GLY B 490 -8.66 -11.95 16.01
C GLY B 490 -7.38 -11.66 15.26
N ILE B 491 -7.07 -12.51 14.30
CA ILE B 491 -5.90 -12.36 13.45
C ILE B 491 -6.34 -12.53 12.00
N VAL B 492 -6.09 -11.51 11.18
CA VAL B 492 -6.47 -11.53 9.78
C VAL B 492 -5.26 -11.41 8.85
N ALA B 493 -4.08 -11.12 9.37
CA ALA B 493 -2.88 -11.01 8.56
C ALA B 493 -1.67 -11.23 9.47
N ALA B 494 -0.68 -11.97 8.97
CA ALA B 494 0.46 -12.36 9.79
C ALA B 494 1.45 -11.22 10.00
N GLY B 495 1.46 -10.21 9.14
CA GLY B 495 2.50 -9.21 9.22
C GLY B 495 3.87 -9.82 9.01
N GLU B 496 4.80 -9.48 9.90
CA GLU B 496 6.15 -10.03 9.86
C GLU B 496 6.35 -11.11 10.92
N MET B 497 5.43 -12.06 10.95
CA MET B 497 5.63 -13.27 11.73
C MET B 497 6.86 -14.02 11.23
N ARG B 498 7.70 -14.45 12.17
CA ARG B 498 8.94 -15.12 11.85
C ARG B 498 9.46 -15.78 13.12
N PRO B 499 10.50 -16.64 13.02
CA PRO B 499 11.07 -17.24 14.23
C PRO B 499 11.35 -16.23 15.33
N GLY B 500 10.61 -16.33 16.42
CA GLY B 500 10.72 -15.42 17.54
C GLY B 500 9.55 -14.46 17.66
N ASN B 501 8.70 -14.37 16.64
CA ASN B 501 7.57 -13.44 16.63
C ASN B 501 6.32 -14.24 16.29
N ASP B 502 5.65 -14.74 17.33
CA ASP B 502 4.50 -15.61 17.18
C ASP B 502 3.21 -14.83 17.48
N LYS B 503 2.13 -15.23 16.79
CA LYS B 503 0.83 -14.59 16.98
C LYS B 503 -0.27 -15.66 16.96
N GLN B 504 -1.30 -15.43 17.76
CA GLN B 504 -2.42 -16.36 17.88
C GLN B 504 -3.74 -15.60 17.93
N GLY B 505 -4.69 -16.03 17.12
CA GLY B 505 -6.04 -15.49 17.18
C GLY B 505 -6.93 -16.37 18.04
N ILE B 506 -7.28 -15.89 19.25
CA ILE B 506 -8.00 -16.72 20.19
C ILE B 506 -9.43 -16.95 19.73
N LEU B 507 -10.12 -15.87 19.33
CA LEU B 507 -11.51 -16.02 18.95
C LEU B 507 -11.65 -16.38 17.47
N PHE B 508 -10.82 -15.81 16.60
CA PHE B 508 -10.84 -16.16 15.18
C PHE B 508 -9.52 -15.81 14.55
N SER B 509 -9.07 -16.66 13.63
CA SER B 509 -7.75 -16.51 13.03
C SER B 509 -7.76 -17.08 11.62
N SER B 510 -6.84 -16.59 10.79
CA SER B 510 -6.73 -17.03 9.41
C SER B 510 -5.34 -17.56 9.07
N ILE B 511 -4.47 -17.72 10.06
CA ILE B 511 -3.12 -18.22 9.85
C ILE B 511 -3.04 -19.64 10.40
N PRO B 512 -2.83 -20.66 9.54
CA PRO B 512 -2.75 -20.52 8.09
C PRO B 512 -4.09 -20.76 7.39
N VAL B 513 -5.03 -21.38 8.10
CA VAL B 513 -6.37 -21.66 7.57
C VAL B 513 -7.38 -20.90 8.41
N MET B 514 -8.56 -20.65 7.82
CA MET B 514 -9.61 -19.97 8.54
C MET B 514 -10.12 -20.83 9.68
N SER B 515 -10.42 -20.19 10.81
CA SER B 515 -10.98 -20.90 11.94
C SER B 515 -12.49 -21.05 11.78
N SER B 516 -13.04 -22.00 12.53
CA SER B 516 -14.48 -22.26 12.48
C SER B 516 -15.27 -21.00 12.82
N TYR B 517 -16.20 -20.64 11.92
CA TYR B 517 -17.02 -19.44 12.05
C TYR B 517 -16.18 -18.17 11.99
N PHE B 518 -15.11 -18.18 11.18
CA PHE B 518 -14.29 -17.00 10.99
C PHE B 518 -15.13 -15.82 10.51
N GLY B 519 -16.00 -16.06 9.52
CA GLY B 519 -16.80 -15.00 8.96
C GLY B 519 -17.75 -14.33 9.93
N VAL B 520 -18.09 -15.02 11.03
CA VAL B 520 -19.02 -14.44 11.99
C VAL B 520 -18.34 -13.36 12.81
N PHE B 521 -17.20 -13.68 13.42
CA PHE B 521 -16.53 -12.72 14.27
C PHE B 521 -15.71 -11.70 13.47
N ASN B 522 -15.29 -12.05 12.25
CA ASN B 522 -14.59 -11.08 11.42
C ASN B 522 -15.55 -10.02 10.89
N GLU B 523 -16.82 -10.36 10.75
CA GLU B 523 -17.82 -9.43 10.24
C GLU B 523 -18.09 -8.33 11.25
N ASN B 524 -18.14 -7.10 10.76
CA ASN B 524 -18.45 -5.91 11.57
C ASN B 524 -17.48 -5.74 12.73
N ARG B 525 -16.26 -6.24 12.58
CA ARG B 525 -15.28 -6.28 13.66
C ARG B 525 -14.94 -4.90 14.21
N ALA B 526 -15.35 -3.82 13.54
CA ALA B 526 -15.01 -2.48 14.02
C ALA B 526 -15.65 -2.19 15.37
N ILE B 527 -16.76 -2.84 15.69
CA ILE B 527 -17.46 -2.58 16.95
C ILE B 527 -16.61 -2.97 18.15
N TYR B 528 -15.65 -3.87 17.98
CA TYR B 528 -14.73 -4.19 19.07
C TYR B 528 -13.91 -2.99 19.47
N GLU B 529 -13.39 -2.25 18.48
CA GLU B 529 -12.56 -1.08 18.78
C GLU B 529 -13.35 0.00 19.49
N VAL B 530 -14.61 0.18 19.11
CA VAL B 530 -15.45 1.20 19.73
C VAL B 530 -15.67 0.88 21.21
N LEU B 531 -16.21 -0.31 21.49
CA LEU B 531 -16.61 -0.65 22.86
C LEU B 531 -15.40 -0.81 23.78
N LEU B 532 -14.24 -1.16 23.24
CA LEU B 532 -13.04 -1.42 24.05
C LEU B 532 -12.13 -0.20 24.14
N GLY B 533 -12.70 1.00 24.11
CA GLY B 533 -11.90 2.20 24.30
C GLY B 533 -11.47 2.41 25.74
N ALA B 534 -10.36 3.12 25.91
CA ALA B 534 -9.76 3.33 27.22
C ALA B 534 -9.95 4.78 27.68
N SER B 535 -9.71 4.99 28.98
CA SER B 535 -9.95 6.29 29.58
C SER B 535 -8.90 7.31 29.16
N HIS B 536 -7.65 6.89 29.04
CA HIS B 536 -6.55 7.81 28.85
C HIS B 536 -6.23 8.01 27.37
N GLY B 537 -5.40 9.01 27.09
CA GLY B 537 -4.94 9.26 25.74
C GLY B 537 -3.87 8.27 25.32
N SER B 538 -3.55 8.32 24.03
CA SER B 538 -2.66 7.35 23.44
C SER B 538 -1.20 7.63 23.79
N ALA B 539 -0.39 6.57 23.78
CA ALA B 539 1.00 6.68 24.18
C ALA B 539 1.82 7.40 23.11
N GLU B 540 2.57 8.41 23.53
CA GLU B 540 3.38 9.23 22.63
C GLU B 540 4.82 8.77 22.57
N ARG B 541 5.59 9.04 23.62
CA ARG B 541 7.01 8.74 23.64
C ARG B 541 7.45 8.51 25.08
N TYR B 542 8.70 8.09 25.25
CA TYR B 542 9.24 7.76 26.56
C TYR B 542 10.37 8.72 26.92
N ASN B 543 10.50 8.97 28.22
CA ASN B 543 11.59 9.80 28.73
C ASN B 543 11.68 9.63 30.24
N PHE B 544 12.88 9.86 30.77
CA PHE B 544 13.08 9.84 32.20
C PHE B 544 12.68 11.17 32.82
N ASN B 545 12.19 11.11 34.06
CA ASN B 545 11.89 12.33 34.79
C ASN B 545 13.11 12.80 35.56
N GLU B 546 12.90 13.45 36.70
CA GLU B 546 14.02 13.97 37.47
C GLU B 546 14.72 12.87 38.25
N SER B 547 13.95 11.93 38.82
CA SER B 547 14.52 10.86 39.63
C SER B 547 15.31 9.87 38.76
N GLY B 548 14.64 9.28 37.77
CA GLY B 548 15.28 8.31 36.90
C GLY B 548 14.26 7.39 36.27
N LYS B 549 13.08 7.32 36.88
CA LYS B 549 11.97 6.55 36.34
C LYS B 549 11.56 7.07 34.97
N ILE B 550 11.11 6.15 34.12
CA ILE B 550 10.57 6.50 32.81
C ILE B 550 9.09 6.84 32.96
N ILE B 551 8.69 7.98 32.43
CA ILE B 551 7.29 8.41 32.42
C ILE B 551 6.82 8.42 30.98
N VAL B 552 5.72 7.72 30.71
CA VAL B 552 5.19 7.58 29.36
C VAL B 552 4.24 8.74 29.10
N GLU B 553 4.61 9.61 28.17
CA GLU B 553 3.76 10.73 27.79
C GLU B 553 2.54 10.24 27.02
N THR B 554 1.42 10.96 27.19
CA THR B 554 0.17 10.61 26.54
C THR B 554 -0.44 11.86 25.91
N SER B 555 -1.09 11.67 24.77
CA SER B 555 -1.72 12.77 24.05
C SER B 555 -3.15 12.94 24.54
N LYS B 556 -3.47 14.13 25.06
CA LYS B 556 -4.81 14.38 25.60
C LYS B 556 -5.67 14.97 24.48
N ASN B 557 -6.44 14.10 23.84
CA ASN B 557 -7.37 14.49 22.78
C ASN B 557 -8.73 14.68 23.42
N GLN B 558 -9.23 15.92 23.41
CA GLN B 558 -10.39 16.27 24.24
C GLN B 558 -11.68 15.64 23.72
N ARG B 559 -11.85 15.57 22.39
CA ARG B 559 -13.02 14.90 21.85
C ARG B 559 -12.99 13.40 22.13
N GLU B 560 -11.79 12.82 22.23
CA GLU B 560 -11.66 11.40 22.56
C GLU B 560 -12.04 11.13 24.00
N PHE B 561 -11.84 12.11 24.89
CA PHE B 561 -12.27 11.96 26.28
C PHE B 561 -13.78 11.98 26.40
N GLU B 562 -14.47 12.70 25.51
CA GLU B 562 -15.91 12.89 25.64
C GLU B 562 -16.69 11.62 25.28
N ILE B 563 -16.30 10.95 24.19
CA ILE B 563 -17.01 9.75 23.75
C ILE B 563 -16.95 8.67 24.83
N TYR B 564 -15.75 8.43 25.38
CA TYR B 564 -15.63 7.44 26.44
C TYR B 564 -16.42 7.86 27.68
N LYS B 565 -16.30 9.12 28.08
CA LYS B 565 -16.86 9.54 29.37
C LYS B 565 -18.37 9.42 29.38
N ASN B 566 -19.01 9.66 28.24
CA ASN B 566 -20.47 9.69 28.16
C ASN B 566 -21.06 8.52 27.39
N ILE B 567 -20.24 7.65 26.79
CA ILE B 567 -20.78 6.52 26.03
C ILE B 567 -20.06 5.22 26.37
N VAL B 568 -18.78 5.12 26.04
CA VAL B 568 -18.07 3.86 26.14
C VAL B 568 -17.99 3.37 27.58
N GLN B 569 -17.70 4.29 28.51
CA GLN B 569 -17.55 3.91 29.91
C GLN B 569 -18.85 3.32 30.46
N HIS B 570 -19.99 3.92 30.12
CA HIS B 570 -21.26 3.38 30.59
C HIS B 570 -21.53 2.00 30.01
N THR B 571 -21.09 1.74 28.78
CA THR B 571 -21.26 0.44 28.16
C THR B 571 -20.22 -0.57 28.61
N GLN B 572 -19.05 -0.11 29.06
CA GLN B 572 -18.03 -1.03 29.53
C GLN B 572 -18.44 -1.72 30.82
N GLN B 573 -18.90 -0.94 31.81
CA GLN B 573 -19.32 -1.55 33.07
C GLN B 573 -20.70 -2.18 32.98
N ALA B 574 -21.52 -1.80 31.98
CA ALA B 574 -22.76 -2.52 31.76
C ALA B 574 -22.50 -3.93 31.23
N MET B 575 -21.57 -4.05 30.27
CA MET B 575 -21.11 -5.37 29.85
C MET B 575 -20.33 -6.09 30.93
N GLU B 576 -19.77 -5.34 31.89
CA GLU B 576 -19.04 -5.96 32.99
C GLU B 576 -19.96 -6.78 33.89
N GLN B 577 -21.22 -6.37 34.03
CA GLN B 577 -22.16 -7.13 34.84
C GLN B 577 -22.58 -8.41 34.14
N SER B 578 -22.85 -8.34 32.83
CA SER B 578 -23.22 -9.53 32.08
C SER B 578 -22.07 -10.53 32.02
N PHE B 579 -20.83 -10.04 32.04
CA PHE B 579 -19.67 -10.93 32.15
C PHE B 579 -19.68 -11.68 33.48
N ILE B 580 -20.18 -11.05 34.54
CA ILE B 580 -20.28 -11.72 35.83
C ILE B 580 -21.33 -12.83 35.76
N GLU B 581 -22.50 -12.53 35.19
CA GLU B 581 -23.55 -13.52 35.09
C GLU B 581 -23.11 -14.70 34.23
N LEU B 582 -22.33 -14.42 33.17
CA LEU B 582 -21.73 -15.50 32.39
C LEU B 582 -20.73 -16.30 33.21
N CYS B 583 -20.07 -15.66 34.18
CA CYS B 583 -19.13 -16.39 35.03
C CYS B 583 -19.86 -17.32 36.00
N SER B 584 -20.99 -16.87 36.54
CA SER B 584 -21.76 -17.72 37.43
C SER B 584 -22.31 -18.95 36.72
N VAL B 585 -22.35 -18.92 35.39
CA VAL B 585 -22.90 -20.03 34.60
C VAL B 585 -21.80 -20.93 34.06
N LEU B 586 -20.67 -20.35 33.63
CA LEU B 586 -19.64 -21.09 32.92
C LEU B 586 -18.35 -21.29 33.70
N CYS B 587 -18.17 -20.61 34.84
CA CYS B 587 -17.00 -20.82 35.67
C CYS B 587 -17.24 -21.94 36.67
N LYS B 588 -16.14 -22.57 37.10
CA LYS B 588 -16.19 -23.71 38.02
C LYS B 588 -17.00 -24.86 37.42
N LYS B 589 -16.70 -25.19 36.17
CA LYS B 589 -17.34 -26.30 35.47
C LYS B 589 -16.26 -27.17 34.83
N SER B 590 -16.65 -28.38 34.45
CA SER B 590 -15.74 -29.32 33.82
C SER B 590 -15.80 -29.28 32.30
N ILE B 591 -16.42 -28.24 31.73
CA ILE B 591 -16.70 -28.21 30.30
C ILE B 591 -15.52 -27.62 29.55
N ASP B 592 -15.28 -28.13 28.35
CA ASP B 592 -14.37 -27.49 27.40
C ASP B 592 -15.16 -26.45 26.61
N ILE B 593 -14.78 -25.18 26.75
CA ILE B 593 -15.55 -24.10 26.14
C ILE B 593 -15.53 -24.20 24.62
N SER B 594 -14.48 -24.79 24.05
CA SER B 594 -14.39 -24.91 22.60
C SER B 594 -15.45 -25.84 22.02
N LYS B 595 -16.06 -26.68 22.87
CA LYS B 595 -17.13 -27.56 22.41
C LYS B 595 -18.42 -26.81 22.12
N TYR B 596 -18.50 -25.53 22.46
CA TYR B 596 -19.72 -24.74 22.28
C TYR B 596 -19.42 -23.42 21.58
N LEU B 597 -18.39 -23.39 20.74
CA LEU B 597 -18.12 -22.21 19.93
C LEU B 597 -19.28 -21.92 18.98
N GLU B 598 -20.00 -22.97 18.56
CA GLU B 598 -21.14 -22.76 17.67
C GLU B 598 -22.24 -21.95 18.35
N ILE B 599 -22.43 -22.15 19.65
CA ILE B 599 -23.46 -21.40 20.37
C ILE B 599 -23.09 -19.93 20.44
N PHE B 600 -21.81 -19.63 20.68
CA PHE B 600 -21.35 -18.25 20.69
C PHE B 600 -21.43 -17.64 19.30
N ALA B 601 -21.01 -18.39 18.27
CA ALA B 601 -21.15 -17.91 16.90
C ALA B 601 -22.61 -17.65 16.56
N LYS B 602 -23.52 -18.47 17.09
CA LYS B 602 -24.95 -18.24 16.90
C LYS B 602 -25.36 -16.89 17.48
N ILE B 603 -25.00 -16.63 18.74
CA ILE B 603 -25.42 -15.39 19.39
C ILE B 603 -24.77 -14.18 18.73
N HIS B 604 -23.52 -14.32 18.30
CA HIS B 604 -22.82 -13.19 17.70
C HIS B 604 -23.45 -12.79 16.38
N ALA B 605 -23.96 -13.77 15.62
CA ALA B 605 -24.57 -13.47 14.33
C ALA B 605 -25.85 -12.66 14.47
N GLU B 606 -26.55 -12.79 15.61
CA GLU B 606 -27.86 -12.20 15.78
C GLU B 606 -27.82 -10.69 15.99
N PHE B 607 -26.65 -10.09 16.23
CA PHE B 607 -26.52 -8.65 16.26
C PHE B 607 -25.60 -8.09 15.19
N ILE B 608 -24.87 -8.95 14.46
CA ILE B 608 -24.10 -8.50 13.31
C ILE B 608 -24.83 -8.74 12.00
N LEU B 609 -25.97 -9.42 12.02
CA LEU B 609 -26.77 -9.69 10.84
C LEU B 609 -28.15 -9.06 10.91
N ASN B 610 -28.55 -8.52 12.06
CA ASN B 610 -29.88 -8.00 12.24
C ASN B 610 -29.90 -6.99 13.38
N PRO B 611 -29.21 -5.86 13.25
CA PRO B 611 -29.16 -4.89 14.35
C PRO B 611 -30.35 -3.95 14.35
N ASN B 612 -30.85 -3.65 15.55
CA ASN B 612 -32.04 -2.82 15.68
C ASN B 612 -31.70 -1.34 15.45
N LYS B 613 -32.73 -0.49 15.60
CA LYS B 613 -32.62 0.90 15.17
C LYS B 613 -31.54 1.64 15.93
N GLN B 614 -31.51 1.48 17.25
CA GLN B 614 -30.51 2.17 18.06
C GLN B 614 -29.10 1.68 17.74
N GLU B 615 -28.95 0.39 17.45
CA GLU B 615 -27.63 -0.17 17.16
C GLU B 615 -27.04 0.41 15.87
N LEU B 616 -27.89 0.69 14.89
CA LEU B 616 -27.38 1.08 13.58
C LEU B 616 -26.74 2.47 13.60
N GLN B 617 -27.42 3.44 14.21
CA GLN B 617 -26.88 4.80 14.27
C GLN B 617 -25.70 4.88 15.23
N PHE B 618 -25.66 4.01 16.24
CA PHE B 618 -24.57 4.03 17.20
C PHE B 618 -23.23 3.77 16.51
N PHE B 619 -23.19 2.77 15.62
CA PHE B 619 -21.97 2.44 14.90
C PHE B 619 -21.46 3.63 14.10
N ASP B 620 -22.36 4.53 13.67
CA ASP B 620 -21.93 5.72 12.94
C ASP B 620 -21.29 6.75 13.87
N LYS B 621 -21.99 7.10 14.95
CA LYS B 621 -21.52 8.09 15.91
C LYS B 621 -20.09 7.80 16.36
N LEU B 622 -19.91 6.68 17.05
CA LEU B 622 -18.58 6.29 17.52
C LEU B 622 -17.98 5.21 16.63
#